data_4QJO
#
_entry.id   4QJO
#
_cell.length_a   46.498
_cell.length_b   66.558
_cell.length_c   80.318
_cell.angle_alpha   81.980
_cell.angle_beta   84.310
_cell.angle_gamma   86.450
#
_symmetry.space_group_name_H-M   'P 1'
#
loop_
_entity.id
_entity.type
_entity.pdbx_description
1 polymer 'Carbonic anhydrase 12'
2 non-polymer 1,2-ETHANEDIOL
3 non-polymer 'ZINC ION'
4 non-polymer 3-(benzylamino)-2,5,6-trifluoro-4-[(2-phenylethyl)sulfonyl]benzenesulfonamide
5 water water
#
_entity_poly.entity_id   1
_entity_poly.type   'polypeptide(L)'
_entity_poly.pdbx_seq_one_letter_code
;MSKWTYFGPDGENSWSKKYPSCGGLLQSPIDLHSDILQYDASLTPLEFQGYNLSANKQFLLTNNGHSVKLNLPSDMHIQG
LQSRYSATQLHLHWGNPNDPHGSEHTVSGQHFAAELHIVHYNSDLYPDASTASNKSEGLAVLAVLIEMGSFNPSYDKIFS
HLQHVKYKGQEAFVPGFNIEELLPERTAEYYRYRGSLTTPPCNPTVLWTVFRNPVQISQEQLLALETALYCTHMDDPSPR
EMINNFRQVQKFDERLVYTSFSQ
;
_entity_poly.pdbx_strand_id   A,B,C,D
#
loop_
_chem_comp.id
_chem_comp.type
_chem_comp.name
_chem_comp.formula
EDO non-polymer 1,2-ETHANEDIOL 'C2 H6 O2'
V1F non-polymer 3-(benzylamino)-2,5,6-trifluoro-4-[(2-phenylethyl)sulfonyl]benzenesulfonamide 'C21 H19 F3 N2 O4 S2'
ZN non-polymer 'ZINC ION' 'Zn 2'
#
# COMPACT_ATOMS: atom_id res chain seq x y z
N LYS A 3 -18.40 -16.27 0.90
CA LYS A 3 -17.63 -17.26 1.70
C LYS A 3 -16.70 -16.53 2.72
N TRP A 4 -15.95 -17.29 3.53
CA TRP A 4 -15.20 -16.65 4.61
C TRP A 4 -13.99 -17.48 4.97
N THR A 5 -12.98 -16.80 5.47
CA THR A 5 -11.74 -17.43 5.82
C THR A 5 -11.21 -16.82 7.15
N TYR A 6 -10.01 -17.24 7.55
CA TYR A 6 -9.33 -16.60 8.69
C TYR A 6 -8.16 -15.74 8.29
N PHE A 7 -8.01 -15.45 7.00
CA PHE A 7 -6.81 -14.70 6.60
C PHE A 7 -7.15 -14.01 5.31
N GLY A 8 -6.75 -12.76 5.17
CA GLY A 8 -6.98 -12.05 3.92
C GLY A 8 -8.28 -11.28 3.89
N PRO A 9 -8.69 -10.89 2.68
CA PRO A 9 -9.84 -10.03 2.57
C PRO A 9 -11.13 -10.65 3.06
N ASP A 10 -11.21 -11.99 3.12
CA ASP A 10 -12.41 -12.61 3.61
C ASP A 10 -12.27 -12.98 5.10
N GLY A 11 -11.20 -12.47 5.73
CA GLY A 11 -10.78 -12.81 7.12
C GLY A 11 -11.70 -12.19 8.17
N GLU A 12 -11.40 -12.38 9.45
CA GLU A 12 -12.39 -12.07 10.47
C GLU A 12 -12.86 -10.64 10.64
N ASN A 13 -12.06 -9.65 10.23
CA ASN A 13 -12.52 -8.26 10.35
C ASN A 13 -13.60 -7.89 9.31
N SER A 14 -13.77 -8.76 8.36
CA SER A 14 -14.75 -8.63 7.24
C SER A 14 -15.87 -9.59 7.35
N TRP A 15 -15.91 -10.52 8.33
CA TRP A 15 -17.09 -11.39 8.41
C TRP A 15 -18.41 -10.63 8.52
N SER A 16 -18.42 -9.49 9.20
CA SER A 16 -19.67 -8.78 9.44
C SER A 16 -20.26 -8.24 8.16
N LYS A 17 -19.46 -8.13 7.09
CA LYS A 17 -20.00 -7.72 5.79
C LYS A 17 -21.03 -8.67 5.22
N LYS A 18 -20.77 -9.96 5.29
N LYS A 18 -20.77 -9.97 5.26
CA LYS A 18 -21.69 -10.97 4.79
CA LYS A 18 -21.74 -10.95 4.80
C LYS A 18 -22.53 -11.57 5.88
C LYS A 18 -22.58 -11.49 5.91
N TYR A 19 -22.04 -11.52 7.11
CA TYR A 19 -22.73 -12.16 8.24
C TYR A 19 -22.91 -11.16 9.36
N PRO A 20 -24.02 -10.46 9.32
CA PRO A 20 -24.15 -9.27 10.14
C PRO A 20 -24.01 -9.57 11.68
N SER A 21 -24.38 -10.78 12.13
CA SER A 21 -24.25 -11.09 13.58
C SER A 21 -22.76 -11.09 14.09
N CYS A 22 -21.80 -11.27 13.17
CA CYS A 22 -20.39 -11.20 13.56
C CYS A 22 -19.98 -9.82 14.07
N GLY A 23 -20.79 -8.79 13.77
CA GLY A 23 -20.54 -7.43 14.25
C GLY A 23 -21.54 -7.04 15.35
N GLY A 24 -22.28 -8.00 15.87
CA GLY A 24 -23.36 -7.77 16.82
C GLY A 24 -22.90 -8.00 18.22
N LEU A 25 -23.85 -8.26 19.10
CA LEU A 25 -23.52 -8.39 20.49
C LEU A 25 -23.17 -9.84 20.80
N LEU A 26 -22.58 -10.03 21.99
CA LEU A 26 -22.43 -11.32 22.67
C LEU A 26 -21.46 -12.18 21.90
N GLN A 27 -20.44 -11.56 21.30
CA GLN A 27 -19.51 -12.37 20.51
C GLN A 27 -18.49 -13.16 21.37
N SER A 28 -18.12 -14.31 20.81
CA SER A 28 -17.10 -15.17 21.36
C SER A 28 -15.99 -15.33 20.28
N PRO A 29 -14.80 -15.76 20.65
CA PRO A 29 -14.39 -16.18 22.00
C PRO A 29 -13.96 -15.00 22.84
N ILE A 30 -13.64 -15.22 24.09
CA ILE A 30 -13.19 -14.13 24.95
C ILE A 30 -11.95 -14.57 25.77
N ASP A 31 -11.29 -13.56 26.36
CA ASP A 31 -10.24 -13.79 27.34
C ASP A 31 -10.84 -13.96 28.74
N LEU A 32 -10.47 -15.06 29.40
CA LEU A 32 -11.05 -15.34 30.72
C LEU A 32 -10.06 -14.83 31.73
N HIS A 33 -10.37 -13.74 32.44
CA HIS A 33 -9.39 -13.12 33.34
C HIS A 33 -10.14 -12.67 34.57
N SER A 34 -9.44 -12.51 35.69
CA SER A 34 -10.13 -12.45 37.00
C SER A 34 -11.12 -11.31 37.14
N ASP A 35 -10.84 -10.15 36.51
CA ASP A 35 -11.76 -9.03 36.63
C ASP A 35 -13.20 -9.29 36.18
N ILE A 36 -13.40 -10.28 35.27
CA ILE A 36 -14.67 -10.56 34.72
C ILE A 36 -15.25 -11.93 35.20
N LEU A 37 -14.55 -12.58 36.13
CA LEU A 37 -15.00 -13.87 36.70
C LEU A 37 -15.74 -13.68 38.01
N GLN A 38 -16.85 -14.42 38.13
CA GLN A 38 -17.55 -14.50 39.40
C GLN A 38 -17.97 -15.93 39.67
N TYR A 39 -17.63 -16.43 40.86
CA TYR A 39 -18.07 -17.78 41.23
C TYR A 39 -19.57 -17.87 41.35
N ASP A 40 -20.10 -18.94 40.84
CA ASP A 40 -21.52 -19.16 40.87
C ASP A 40 -21.75 -20.59 41.32
N ALA A 41 -22.14 -20.74 42.58
CA ALA A 41 -22.24 -22.11 43.16
C ALA A 41 -23.39 -22.91 42.55
N SER A 42 -24.33 -22.26 41.89
CA SER A 42 -25.39 -23.04 41.28
C SER A 42 -24.94 -23.77 40.01
N LEU A 43 -23.71 -23.54 39.59
CA LEU A 43 -23.20 -24.20 38.36
C LEU A 43 -22.83 -25.67 38.72
N THR A 44 -23.74 -26.60 38.41
CA THR A 44 -23.59 -27.99 38.80
C THR A 44 -22.85 -28.79 37.75
N PRO A 45 -22.41 -30.04 38.12
CA PRO A 45 -21.74 -30.85 37.15
C PRO A 45 -22.64 -31.19 35.98
N LEU A 46 -22.07 -31.14 34.79
CA LEU A 46 -22.79 -31.50 33.62
C LEU A 46 -22.74 -33.01 33.74
N GLU A 47 -23.79 -33.64 33.28
CA GLU A 47 -23.81 -35.08 33.21
C GLU A 47 -23.73 -35.43 31.74
N PHE A 48 -22.68 -36.15 31.41
CA PHE A 48 -22.47 -36.58 30.08
C PHE A 48 -23.22 -37.89 30.01
N GLN A 49 -23.99 -38.03 28.93
CA GLN A 49 -24.80 -39.22 28.72
C GLN A 49 -24.70 -39.60 27.24
N GLY A 50 -24.52 -40.91 27.00
CA GLY A 50 -24.35 -41.45 25.66
C GLY A 50 -23.02 -41.07 25.00
N TYR A 51 -22.05 -40.57 25.77
CA TYR A 51 -20.71 -40.21 25.25
C TYR A 51 -19.83 -41.41 24.92
N ASN A 52 -20.10 -42.51 25.63
CA ASN A 52 -19.35 -43.76 25.39
C ASN A 52 -19.87 -44.41 24.10
N LEU A 53 -19.46 -43.87 22.97
CA LEU A 53 -20.07 -44.22 21.68
C LEU A 53 -19.80 -45.66 21.23
N SER A 54 -20.74 -46.26 20.49
CA SER A 54 -20.52 -47.66 20.09
C SER A 54 -19.33 -47.86 19.17
N ALA A 55 -18.42 -48.73 19.59
CA ALA A 55 -17.25 -49.06 18.78
C ALA A 55 -17.61 -49.91 17.54
N ASN A 56 -18.81 -50.52 17.56
CA ASN A 56 -19.43 -51.04 16.32
C ASN A 56 -20.03 -50.09 15.33
N LYS A 57 -20.19 -48.81 15.74
CA LYS A 57 -20.76 -47.79 14.90
C LYS A 57 -19.60 -46.97 14.34
N GLN A 58 -19.80 -46.33 13.19
CA GLN A 58 -18.81 -45.40 12.68
C GLN A 58 -19.44 -44.03 12.55
N PHE A 59 -18.63 -42.99 12.70
CA PHE A 59 -19.09 -41.64 12.76
C PHE A 59 -18.34 -40.84 11.69
N LEU A 60 -19.08 -39.98 10.96
CA LEU A 60 -18.50 -39.31 9.80
C LEU A 60 -17.59 -38.12 10.18
N LEU A 61 -16.38 -38.13 9.68
CA LEU A 61 -15.40 -37.08 9.88
C LEU A 61 -15.31 -36.32 8.56
N THR A 62 -15.38 -34.97 8.61
CA THR A 62 -15.40 -34.18 7.37
C THR A 62 -14.50 -32.98 7.47
N ASN A 63 -13.83 -32.71 6.35
CA ASN A 63 -13.13 -31.49 6.17
C ASN A 63 -14.18 -30.63 5.47
N ASN A 64 -14.67 -29.61 6.17
CA ASN A 64 -15.62 -28.68 5.58
C ASN A 64 -15.01 -27.36 5.10
N GLY A 65 -13.68 -27.35 4.99
CA GLY A 65 -12.86 -26.24 4.52
C GLY A 65 -12.56 -25.18 5.55
N HIS A 66 -13.11 -25.29 6.76
CA HIS A 66 -12.85 -24.33 7.80
C HIS A 66 -12.26 -25.03 9.01
N SER A 67 -12.58 -26.32 9.15
CA SER A 67 -12.09 -27.12 10.30
C SER A 67 -12.22 -28.60 9.86
N VAL A 68 -11.94 -29.51 10.79
CA VAL A 68 -12.29 -30.91 10.62
C VAL A 68 -13.35 -31.19 11.66
N LYS A 69 -14.46 -31.81 11.25
CA LYS A 69 -15.57 -32.00 12.18
C LYS A 69 -15.96 -33.49 12.21
N LEU A 70 -16.39 -33.95 13.36
CA LEU A 70 -16.87 -35.32 13.52
C LEU A 70 -18.33 -35.22 13.84
N ASN A 71 -19.14 -35.92 13.06
CA ASN A 71 -20.58 -35.95 13.32
C ASN A 71 -20.89 -36.77 14.55
N LEU A 72 -21.73 -36.23 15.43
CA LEU A 72 -22.11 -36.94 16.67
C LEU A 72 -23.62 -37.27 16.72
N PRO A 73 -23.98 -38.35 17.41
CA PRO A 73 -25.39 -38.81 17.49
C PRO A 73 -26.22 -38.05 18.51
N SER A 74 -27.50 -37.87 18.20
CA SER A 74 -28.38 -37.15 19.10
C SER A 74 -28.64 -37.87 20.43
N ASP A 75 -28.24 -39.14 20.57
CA ASP A 75 -28.35 -39.76 21.89
C ASP A 75 -27.24 -39.38 22.84
N MET A 76 -26.23 -38.65 22.36
CA MET A 76 -25.24 -38.10 23.24
C MET A 76 -25.83 -36.79 23.72
N HIS A 77 -25.78 -36.54 25.00
CA HIS A 77 -26.25 -35.29 25.54
C HIS A 77 -25.72 -34.91 26.87
N ILE A 78 -25.93 -33.64 27.19
CA ILE A 78 -25.61 -33.17 28.51
C ILE A 78 -26.89 -32.81 29.18
N GLN A 79 -26.95 -33.20 30.44
CA GLN A 79 -28.08 -33.03 31.31
C GLN A 79 -27.45 -32.14 32.35
N GLY A 80 -28.26 -31.34 33.03
CA GLY A 80 -27.73 -30.31 33.93
C GLY A 80 -28.35 -28.98 33.55
N LEU A 81 -28.39 -28.70 32.24
CA LEU A 81 -28.95 -27.43 31.77
C LEU A 81 -30.48 -27.42 31.97
N GLN A 82 -31.12 -26.23 31.85
N GLN A 82 -31.12 -26.25 31.91
CA GLN A 82 -32.60 -26.07 31.97
CA GLN A 82 -32.58 -26.22 32.09
C GLN A 82 -33.33 -27.08 31.10
C GLN A 82 -33.10 -27.42 31.31
N SER A 83 -32.61 -27.52 30.09
CA SER A 83 -33.07 -28.45 29.12
C SER A 83 -31.96 -29.47 28.90
N ARG A 84 -32.35 -30.53 28.21
CA ARG A 84 -31.42 -31.45 27.56
C ARG A 84 -30.88 -30.83 26.29
N TYR A 85 -29.53 -30.86 26.19
CA TYR A 85 -28.83 -30.49 24.97
C TYR A 85 -28.25 -31.71 24.25
N SER A 86 -28.55 -31.89 22.96
CA SER A 86 -28.10 -33.10 22.28
C SER A 86 -26.96 -32.78 21.37
N ALA A 87 -25.96 -33.68 21.33
CA ALA A 87 -24.75 -33.40 20.54
C ALA A 87 -25.09 -33.45 19.06
N THR A 88 -24.35 -32.67 18.30
CA THR A 88 -24.45 -32.63 16.86
C THR A 88 -23.08 -32.84 16.18
N GLN A 89 -21.99 -32.25 16.71
CA GLN A 89 -20.70 -32.47 16.03
C GLN A 89 -19.67 -31.97 17.01
N LEU A 90 -18.42 -32.35 16.77
CA LEU A 90 -17.30 -31.69 17.41
C LEU A 90 -16.30 -31.32 16.32
N HIS A 91 -15.36 -30.39 16.60
CA HIS A 91 -14.38 -29.96 15.64
C HIS A 91 -13.33 -29.23 16.44
N LEU A 92 -12.26 -28.86 15.78
CA LEU A 92 -11.15 -28.18 16.47
C LEU A 92 -10.72 -26.83 15.85
N HIS A 93 -9.89 -26.14 16.61
CA HIS A 93 -9.29 -24.87 16.15
C HIS A 93 -7.85 -24.88 16.53
N TRP A 94 -6.98 -24.39 15.67
CA TRP A 94 -5.54 -24.45 15.95
C TRP A 94 -4.76 -23.40 15.27
N GLY A 95 -3.44 -23.36 15.56
CA GLY A 95 -2.58 -22.29 15.02
C GLY A 95 -1.77 -22.78 13.83
N ASN A 96 -0.46 -22.68 13.95
CA ASN A 96 0.42 -23.12 12.87
C ASN A 96 1.78 -23.46 13.49
N PRO A 97 2.66 -24.11 12.72
CA PRO A 97 3.87 -24.59 13.42
C PRO A 97 4.80 -23.48 13.87
N ASN A 98 4.72 -22.33 13.22
CA ASN A 98 5.61 -21.21 13.62
C ASN A 98 5.07 -20.42 14.83
N ASP A 99 3.80 -20.65 15.17
CA ASP A 99 3.26 -20.03 16.34
C ASP A 99 2.09 -20.94 16.78
N PRO A 100 2.42 -22.01 17.50
CA PRO A 100 1.47 -23.08 17.74
C PRO A 100 0.53 -22.74 18.88
N HIS A 101 -0.19 -21.65 18.74
CA HIS A 101 -1.05 -21.18 19.79
C HIS A 101 -2.37 -20.77 19.20
N GLY A 102 -3.28 -21.72 18.94
CA GLY A 102 -4.44 -21.41 18.23
C GLY A 102 -5.74 -21.79 18.94
N SER A 103 -5.78 -21.72 20.29
CA SER A 103 -7.08 -21.90 20.92
C SER A 103 -7.88 -20.64 20.62
N GLU A 104 -9.17 -20.70 20.84
CA GLU A 104 -9.99 -19.49 20.63
C GLU A 104 -10.13 -18.73 21.92
N HIS A 105 -10.57 -19.40 23.00
CA HIS A 105 -10.52 -18.75 24.30
C HIS A 105 -9.13 -18.70 24.85
N THR A 106 -8.84 -17.63 25.58
CA THR A 106 -7.59 -17.55 26.27
C THR A 106 -7.90 -17.46 27.75
N VAL A 107 -6.88 -17.70 28.56
CA VAL A 107 -6.97 -17.60 30.04
C VAL A 107 -5.88 -16.68 30.57
N SER A 108 -6.28 -15.58 31.24
CA SER A 108 -5.33 -14.50 31.67
C SER A 108 -4.36 -14.25 30.57
N GLY A 109 -4.91 -14.05 29.38
CA GLY A 109 -4.13 -13.78 28.16
C GLY A 109 -3.33 -14.93 27.53
N GLN A 110 -3.26 -16.07 28.19
CA GLN A 110 -2.55 -17.29 27.66
C GLN A 110 -3.38 -17.91 26.53
N HIS A 111 -2.86 -17.95 25.30
N HIS A 111 -2.76 -18.10 25.39
CA HIS A 111 -3.48 -18.80 24.31
CA HIS A 111 -3.37 -18.72 24.24
C HIS A 111 -2.96 -20.17 24.56
C HIS A 111 -2.91 -20.16 24.15
N PHE A 112 -3.81 -21.14 24.34
CA PHE A 112 -3.43 -22.55 24.34
C PHE A 112 -3.13 -23.00 22.92
N ALA A 113 -2.62 -24.22 22.81
CA ALA A 113 -2.16 -24.69 21.51
C ALA A 113 -3.34 -24.83 20.55
N ALA A 114 -4.46 -25.28 21.09
CA ALA A 114 -5.58 -25.68 20.26
C ALA A 114 -6.86 -25.72 21.12
N GLU A 115 -7.99 -25.94 20.48
CA GLU A 115 -9.22 -26.03 21.31
C GLU A 115 -10.22 -26.95 20.64
N LEU A 116 -10.88 -27.77 21.44
CA LEU A 116 -11.88 -28.71 20.91
C LEU A 116 -13.26 -28.11 21.23
N HIS A 117 -14.20 -28.15 20.26
CA HIS A 117 -15.57 -27.72 20.57
C HIS A 117 -16.52 -28.85 20.39
N ILE A 118 -17.35 -29.16 21.41
CA ILE A 118 -18.37 -30.20 21.23
C ILE A 118 -19.71 -29.47 21.21
N VAL A 119 -20.31 -29.46 20.05
CA VAL A 119 -21.53 -28.63 19.81
C VAL A 119 -22.80 -29.46 20.12
N HIS A 120 -23.69 -28.84 20.91
CA HIS A 120 -25.01 -29.46 21.26
C HIS A 120 -26.09 -28.45 21.00
N TYR A 121 -27.33 -28.91 20.83
CA TYR A 121 -28.49 -28.02 20.63
C TYR A 121 -29.60 -28.42 21.62
N ASN A 122 -30.52 -27.51 21.90
CA ASN A 122 -31.52 -27.74 22.93
C ASN A 122 -32.57 -28.61 22.25
N SER A 123 -32.49 -29.91 22.48
CA SER A 123 -33.35 -30.85 21.74
C SER A 123 -34.73 -30.92 22.39
N ASP A 124 -34.82 -30.37 23.59
CA ASP A 124 -36.12 -30.31 24.34
C ASP A 124 -37.00 -29.33 23.67
N LEU A 125 -36.43 -28.20 23.24
CA LEU A 125 -37.26 -27.16 22.63
C LEU A 125 -37.26 -27.19 21.14
N TYR A 126 -36.23 -27.76 20.51
CA TYR A 126 -36.00 -27.59 19.07
C TYR A 126 -35.77 -28.93 18.35
N PRO A 127 -36.16 -29.04 17.07
CA PRO A 127 -36.11 -30.33 16.36
C PRO A 127 -34.72 -30.79 15.88
N ASP A 128 -33.83 -29.82 15.65
CA ASP A 128 -32.47 -30.04 15.11
C ASP A 128 -31.58 -28.78 15.41
N ALA A 129 -30.28 -28.84 15.09
CA ALA A 129 -29.36 -27.76 15.47
C ALA A 129 -29.53 -26.53 14.60
N SER A 130 -29.81 -26.73 13.28
CA SER A 130 -30.19 -25.58 12.40
C SER A 130 -31.25 -24.69 12.99
N THR A 131 -32.41 -25.25 13.36
CA THR A 131 -33.46 -24.45 14.01
C THR A 131 -32.96 -23.80 15.29
N ALA A 132 -32.25 -24.58 16.12
CA ALA A 132 -31.83 -24.14 17.45
C ALA A 132 -30.80 -22.97 17.39
N SER A 133 -30.07 -22.87 16.30
CA SER A 133 -28.95 -21.95 16.21
C SER A 133 -29.35 -20.49 16.09
N ASN A 134 -30.62 -20.22 15.75
CA ASN A 134 -31.20 -18.88 15.72
C ASN A 134 -31.94 -18.55 16.96
N LYS A 135 -31.98 -19.46 17.94
CA LYS A 135 -32.83 -19.22 19.09
C LYS A 135 -32.01 -18.94 20.35
N SER A 136 -32.52 -18.05 21.18
CA SER A 136 -31.83 -17.72 22.41
C SER A 136 -31.40 -18.98 23.16
N GLU A 137 -30.13 -19.02 23.60
CA GLU A 137 -29.53 -20.20 24.28
C GLU A 137 -29.86 -21.55 23.58
N GLY A 138 -30.07 -21.52 22.26
CA GLY A 138 -30.49 -22.70 21.49
C GLY A 138 -29.32 -23.69 21.39
N LEU A 139 -28.08 -23.16 21.55
CA LEU A 139 -26.88 -23.99 21.47
C LEU A 139 -26.12 -24.04 22.77
N ALA A 140 -25.43 -25.16 23.02
CA ALA A 140 -24.52 -25.23 24.13
C ALA A 140 -23.23 -25.85 23.56
N VAL A 141 -22.11 -25.20 23.76
CA VAL A 141 -20.85 -25.73 23.23
C VAL A 141 -19.91 -25.93 24.44
N LEU A 142 -19.31 -27.12 24.50
CA LEU A 142 -18.31 -27.43 25.51
C LEU A 142 -16.97 -27.19 24.83
N ALA A 143 -16.09 -26.48 25.51
CA ALA A 143 -14.77 -26.19 24.93
C ALA A 143 -13.71 -26.82 25.81
N VAL A 144 -12.76 -27.52 25.20
CA VAL A 144 -11.60 -28.10 25.90
C VAL A 144 -10.34 -27.40 25.35
N LEU A 145 -9.63 -26.74 26.23
CA LEU A 145 -8.31 -26.15 25.88
C LEU A 145 -7.26 -27.25 25.77
N ILE A 146 -6.37 -27.12 24.79
CA ILE A 146 -5.43 -28.20 24.49
C ILE A 146 -4.08 -27.59 24.53
N GLU A 147 -3.17 -28.23 25.27
CA GLU A 147 -1.80 -27.78 25.32
C GLU A 147 -0.91 -28.87 24.75
N MET A 148 0.30 -28.46 24.33
N MET A 148 0.27 -28.46 24.29
CA MET A 148 1.28 -29.37 23.81
CA MET A 148 1.22 -29.42 23.81
C MET A 148 1.99 -30.05 24.98
C MET A 148 1.77 -30.08 25.07
N GLY A 149 2.02 -31.39 24.95
CA GLY A 149 2.65 -32.17 26.02
C GLY A 149 2.64 -33.65 25.72
N SER A 150 1.94 -34.43 26.53
CA SER A 150 1.86 -35.87 26.33
C SER A 150 0.98 -36.23 25.12
N PHE A 151 1.43 -37.19 24.30
CA PHE A 151 0.53 -37.97 23.45
C PHE A 151 -0.80 -38.33 24.11
N ASN A 152 -1.88 -38.23 23.33
CA ASN A 152 -3.20 -38.47 23.80
C ASN A 152 -3.86 -39.51 22.90
N PRO A 153 -3.95 -40.75 23.42
CA PRO A 153 -4.46 -41.81 22.58
C PRO A 153 -5.88 -41.58 22.17
N SER A 154 -6.66 -40.85 23.01
CA SER A 154 -8.05 -40.66 22.70
C SER A 154 -8.21 -39.62 21.54
N TYR A 155 -7.50 -38.49 21.61
CA TYR A 155 -7.53 -37.54 20.46
C TYR A 155 -6.96 -38.19 19.20
N ASP A 156 -6.07 -39.18 19.38
CA ASP A 156 -5.59 -39.82 18.21
C ASP A 156 -6.60 -40.70 17.47
N LYS A 157 -7.70 -41.06 18.14
CA LYS A 157 -8.84 -41.68 17.44
C LYS A 157 -9.34 -40.79 16.35
N ILE A 158 -9.26 -39.48 16.55
CA ILE A 158 -9.60 -38.58 15.48
C ILE A 158 -8.38 -38.31 14.57
N PHE A 159 -7.25 -37.97 15.18
CA PHE A 159 -6.09 -37.45 14.42
C PHE A 159 -5.49 -38.50 13.47
N SER A 160 -5.58 -39.77 13.85
CA SER A 160 -5.11 -40.86 12.94
C SER A 160 -5.86 -40.88 11.56
N HIS A 161 -6.99 -40.18 11.48
CA HIS A 161 -7.81 -40.11 10.24
C HIS A 161 -7.55 -38.90 9.39
N LEU A 162 -6.64 -38.01 9.81
CA LEU A 162 -6.51 -36.71 9.13
C LEU A 162 -6.07 -36.84 7.67
N GLN A 163 -5.29 -37.87 7.36
CA GLN A 163 -4.87 -38.07 5.97
C GLN A 163 -5.98 -38.57 4.99
N HIS A 164 -7.15 -38.92 5.47
CA HIS A 164 -8.25 -39.17 4.54
C HIS A 164 -9.19 -38.02 4.42
N VAL A 165 -8.83 -36.89 5.00
CA VAL A 165 -9.70 -35.72 4.96
C VAL A 165 -8.87 -34.46 4.67
N LYS A 166 -7.73 -34.64 4.01
CA LYS A 166 -6.78 -33.55 3.72
C LYS A 166 -7.44 -32.37 3.05
N TYR A 167 -8.51 -32.60 2.26
CA TYR A 167 -9.11 -31.53 1.42
C TYR A 167 -10.55 -31.29 1.62
N LYS A 168 -10.98 -30.05 1.30
CA LYS A 168 -12.36 -29.67 1.35
C LYS A 168 -13.30 -30.70 0.77
N GLY A 169 -14.21 -31.17 1.61
CA GLY A 169 -15.30 -32.02 1.14
C GLY A 169 -15.05 -33.51 1.37
N GLN A 170 -13.80 -33.87 1.72
CA GLN A 170 -13.41 -35.28 1.96
C GLN A 170 -13.88 -35.77 3.33
N GLU A 171 -14.09 -37.08 3.43
CA GLU A 171 -14.79 -37.67 4.52
C GLU A 171 -14.05 -38.93 4.92
N ALA A 172 -14.15 -39.30 6.18
CA ALA A 172 -13.57 -40.56 6.66
C ALA A 172 -14.54 -41.02 7.73
N PHE A 173 -14.59 -42.33 7.94
CA PHE A 173 -15.32 -42.87 9.08
C PHE A 173 -14.44 -43.15 10.30
N VAL A 174 -14.97 -42.82 11.49
CA VAL A 174 -14.26 -43.00 12.72
C VAL A 174 -15.10 -43.94 13.56
N PRO A 175 -14.54 -45.09 13.95
CA PRO A 175 -15.27 -45.98 14.92
C PRO A 175 -15.55 -45.27 16.24
N GLY A 176 -16.71 -45.52 16.86
CA GLY A 176 -17.03 -44.89 18.12
C GLY A 176 -16.01 -45.17 19.19
N PHE A 177 -15.81 -44.18 20.04
CA PHE A 177 -14.99 -44.28 21.23
C PHE A 177 -15.64 -43.37 22.27
N ASN A 178 -15.12 -43.42 23.49
CA ASN A 178 -15.71 -42.71 24.59
C ASN A 178 -15.26 -41.26 24.48
N ILE A 179 -16.19 -40.41 24.06
CA ILE A 179 -15.89 -38.97 23.91
C ILE A 179 -15.53 -38.30 25.24
N GLU A 180 -15.97 -38.85 26.37
CA GLU A 180 -15.51 -38.35 27.69
C GLU A 180 -13.99 -38.35 27.85
N GLU A 181 -13.32 -39.22 27.10
CA GLU A 181 -11.86 -39.29 27.14
C GLU A 181 -11.16 -38.10 26.51
N LEU A 182 -11.88 -37.31 25.72
CA LEU A 182 -11.37 -36.04 25.16
C LEU A 182 -11.52 -34.89 26.17
N LEU A 183 -12.27 -35.16 27.25
CA LEU A 183 -12.50 -34.13 28.32
C LEU A 183 -11.38 -34.14 29.33
N PRO A 184 -11.14 -32.99 30.01
CA PRO A 184 -10.03 -32.92 30.92
C PRO A 184 -10.41 -33.42 32.30
N GLU A 185 -9.43 -33.42 33.18
CA GLU A 185 -9.61 -33.63 34.62
C GLU A 185 -10.61 -32.63 35.21
N ARG A 186 -11.42 -33.18 36.12
N ARG A 186 -11.41 -33.10 36.16
CA ARG A 186 -12.37 -32.44 36.93
CA ARG A 186 -12.31 -32.23 36.94
C ARG A 186 -13.23 -31.53 36.07
C ARG A 186 -13.28 -31.46 36.05
N THR A 187 -13.99 -32.18 35.19
CA THR A 187 -15.03 -31.53 34.35
C THR A 187 -16.05 -30.67 35.16
N ALA A 188 -16.16 -30.92 36.48
CA ALA A 188 -17.08 -30.13 37.30
C ALA A 188 -16.65 -28.67 37.32
N GLU A 189 -15.36 -28.46 37.06
CA GLU A 189 -14.78 -27.11 37.13
C GLU A 189 -14.77 -26.50 35.76
N TYR A 190 -15.54 -25.43 35.60
CA TYR A 190 -15.67 -24.82 34.23
C TYR A 190 -16.05 -23.34 34.33
N TYR A 191 -15.82 -22.62 33.21
CA TYR A 191 -16.28 -21.27 33.07
C TYR A 191 -17.56 -21.34 32.27
N ARG A 192 -18.51 -20.49 32.55
CA ARG A 192 -19.78 -20.51 31.85
C ARG A 192 -20.14 -19.07 31.45
N TYR A 193 -20.55 -18.88 30.19
CA TYR A 193 -21.06 -17.54 29.79
C TYR A 193 -21.95 -17.61 28.56
N ARG A 194 -22.65 -16.53 28.28
CA ARG A 194 -23.52 -16.45 27.14
C ARG A 194 -22.73 -15.82 26.00
N GLY A 195 -22.62 -16.54 24.87
CA GLY A 195 -21.84 -16.01 23.71
C GLY A 195 -22.38 -16.44 22.37
N SER A 196 -21.49 -16.66 21.38
CA SER A 196 -21.93 -16.82 20.03
C SER A 196 -21.19 -17.95 19.38
N LEU A 197 -21.62 -18.38 18.19
CA LEU A 197 -20.74 -19.20 17.29
C LEU A 197 -19.49 -18.36 17.07
N THR A 198 -18.32 -18.99 17.04
CA THR A 198 -17.11 -18.17 16.86
C THR A 198 -16.76 -18.19 15.36
N THR A 199 -17.60 -18.77 14.54
CA THR A 199 -17.48 -18.65 13.07
C THR A 199 -18.76 -18.08 12.51
N PRO A 200 -18.70 -17.56 11.29
CA PRO A 200 -19.96 -17.13 10.69
C PRO A 200 -20.95 -18.33 10.68
N PRO A 201 -22.23 -18.05 10.87
CA PRO A 201 -22.82 -16.71 10.92
C PRO A 201 -22.80 -16.03 12.28
N CYS A 202 -22.00 -16.54 13.25
CA CYS A 202 -21.75 -15.82 14.55
C CYS A 202 -22.97 -15.58 15.41
N ASN A 203 -23.94 -16.47 15.28
N ASN A 203 -23.94 -16.47 15.29
CA ASN A 203 -25.22 -16.30 15.95
CA ASN A 203 -25.20 -16.26 15.97
C ASN A 203 -24.98 -16.19 17.45
C ASN A 203 -24.97 -16.19 17.45
N PRO A 204 -25.61 -15.22 18.13
CA PRO A 204 -25.37 -15.02 19.63
C PRO A 204 -26.31 -15.90 20.45
N THR A 205 -26.16 -17.18 20.20
CA THR A 205 -27.16 -18.16 20.62
C THR A 205 -26.50 -19.29 21.47
N VAL A 206 -25.25 -19.09 21.87
CA VAL A 206 -24.46 -20.19 22.52
C VAL A 206 -24.27 -20.04 23.98
N LEU A 207 -24.63 -21.09 24.72
CA LEU A 207 -24.22 -21.12 26.08
C LEU A 207 -22.86 -21.80 26.15
N TRP A 208 -21.80 -21.06 26.48
CA TRP A 208 -20.43 -21.65 26.55
C TRP A 208 -20.13 -22.34 27.83
N THR A 209 -19.52 -23.52 27.75
CA THR A 209 -18.86 -24.14 28.91
C THR A 209 -17.45 -24.41 28.49
N VAL A 210 -16.50 -23.69 29.09
CA VAL A 210 -15.09 -23.94 28.84
C VAL A 210 -14.53 -24.58 30.12
N PHE A 211 -13.96 -25.78 29.94
CA PHE A 211 -13.44 -26.46 31.16
C PHE A 211 -12.25 -25.72 31.68
N ARG A 212 -12.10 -25.72 33.02
CA ARG A 212 -11.00 -25.07 33.64
C ARG A 212 -9.62 -25.64 33.24
N ASN A 213 -9.53 -26.97 33.12
CA ASN A 213 -8.24 -27.66 32.96
C ASN A 213 -8.05 -28.06 31.50
N PRO A 214 -6.84 -27.88 30.95
CA PRO A 214 -6.56 -28.24 29.56
C PRO A 214 -6.27 -29.76 29.49
N VAL A 215 -6.36 -30.35 28.29
CA VAL A 215 -5.81 -31.67 28.03
C VAL A 215 -4.48 -31.48 27.28
N GLN A 216 -3.68 -32.54 27.21
CA GLN A 216 -2.48 -32.47 26.41
C GLN A 216 -2.54 -33.37 25.22
N ILE A 217 -2.00 -32.89 24.08
N ILE A 217 -1.90 -32.92 24.13
CA ILE A 217 -1.65 -33.76 22.94
CA ILE A 217 -1.66 -33.74 22.97
C ILE A 217 -0.20 -33.61 22.66
C ILE A 217 -0.21 -33.57 22.60
N SER A 218 0.37 -34.54 21.88
CA SER A 218 1.84 -34.49 21.65
C SER A 218 2.26 -33.43 20.64
N GLN A 219 3.55 -33.09 20.62
CA GLN A 219 3.98 -32.13 19.57
C GLN A 219 3.69 -32.73 18.22
N GLU A 220 3.87 -34.06 18.09
CA GLU A 220 3.63 -34.70 16.78
C GLU A 220 2.14 -34.61 16.37
N GLN A 221 1.28 -34.85 17.34
CA GLN A 221 -0.19 -34.77 17.10
C GLN A 221 -0.55 -33.34 16.70
N LEU A 222 0.00 -32.35 17.42
CA LEU A 222 -0.26 -30.95 17.12
C LEU A 222 0.25 -30.59 15.77
N LEU A 223 1.45 -31.08 15.42
CA LEU A 223 1.99 -30.71 14.10
C LEU A 223 1.22 -31.42 12.99
N ALA A 224 0.76 -32.65 13.22
CA ALA A 224 -0.17 -33.28 12.26
C ALA A 224 -1.47 -32.43 12.07
N LEU A 225 -2.06 -31.99 13.16
CA LEU A 225 -3.24 -31.21 13.07
C LEU A 225 -2.99 -29.89 12.26
N GLU A 226 -1.85 -29.26 12.47
CA GLU A 226 -1.45 -28.01 11.82
C GLU A 226 -1.01 -28.13 10.35
N THR A 227 -0.58 -29.32 9.94
CA THR A 227 0.08 -29.49 8.61
C THR A 227 -0.66 -30.39 7.66
N ALA A 228 -1.58 -31.18 8.20
CA ALA A 228 -2.27 -32.17 7.37
C ALA A 228 -3.35 -31.63 6.45
N LEU A 229 -3.95 -30.50 6.81
CA LEU A 229 -5.25 -30.17 6.21
C LEU A 229 -5.24 -28.90 5.35
N TYR A 230 -6.09 -28.88 4.34
CA TYR A 230 -6.20 -27.74 3.41
C TYR A 230 -7.60 -27.21 3.43
N CYS A 231 -7.75 -25.88 3.28
CA CYS A 231 -9.07 -25.30 3.05
C CYS A 231 -9.67 -25.54 1.63
N THR A 232 -8.85 -26.01 0.71
CA THR A 232 -9.22 -26.02 -0.71
C THR A 232 -9.50 -27.45 -1.17
N HIS A 233 -10.18 -27.63 -2.31
CA HIS A 233 -10.42 -28.95 -2.87
C HIS A 233 -9.16 -29.59 -3.35
N MET A 234 -9.16 -30.91 -3.47
CA MET A 234 -8.01 -31.64 -3.99
C MET A 234 -7.53 -31.09 -5.37
N ASP A 235 -8.49 -30.76 -6.24
CA ASP A 235 -8.23 -30.37 -7.64
C ASP A 235 -7.59 -28.98 -7.78
N ASP A 236 -7.54 -28.24 -6.67
CA ASP A 236 -7.23 -26.80 -6.71
C ASP A 236 -5.73 -26.57 -6.87
N PRO A 237 -5.35 -25.84 -7.94
CA PRO A 237 -3.93 -25.66 -8.25
C PRO A 237 -3.28 -24.66 -7.28
N SER A 238 -4.08 -23.81 -6.66
CA SER A 238 -3.60 -22.88 -5.64
C SER A 238 -4.08 -23.27 -4.25
N PRO A 239 -3.43 -24.27 -3.65
CA PRO A 239 -3.94 -24.72 -2.33
C PRO A 239 -3.67 -23.76 -1.16
N ARG A 240 -4.61 -23.71 -0.19
CA ARG A 240 -4.46 -22.89 1.02
C ARG A 240 -4.42 -23.80 2.26
N GLU A 241 -3.36 -23.70 3.02
CA GLU A 241 -3.25 -24.53 4.24
C GLU A 241 -4.37 -24.19 5.26
N MET A 242 -4.97 -25.22 5.90
CA MET A 242 -5.90 -24.96 7.00
C MET A 242 -5.09 -24.76 8.31
N ILE A 243 -4.78 -23.52 8.60
CA ILE A 243 -4.03 -23.13 9.75
C ILE A 243 -4.65 -21.87 10.35
N ASN A 244 -4.37 -21.64 11.62
CA ASN A 244 -4.80 -20.42 12.35
C ASN A 244 -6.30 -20.24 12.19
N ASN A 245 -7.03 -21.36 12.27
CA ASN A 245 -8.48 -21.25 12.15
C ASN A 245 -9.11 -20.96 13.50
N PHE A 246 -8.70 -19.85 14.09
CA PHE A 246 -9.30 -19.45 15.35
C PHE A 246 -9.60 -17.97 15.24
N ARG A 247 -10.68 -17.55 15.91
CA ARG A 247 -11.00 -16.15 15.91
C ARG A 247 -10.25 -15.46 17.04
N GLN A 248 -9.89 -14.21 16.81
CA GLN A 248 -9.37 -13.37 17.92
C GLN A 248 -10.42 -13.21 19.03
N VAL A 249 -9.96 -13.07 20.28
CA VAL A 249 -10.86 -12.69 21.39
C VAL A 249 -11.62 -11.36 21.12
N GLN A 250 -12.84 -11.31 21.65
CA GLN A 250 -13.81 -10.23 21.44
C GLN A 250 -13.91 -9.38 22.73
N LYS A 251 -14.33 -8.13 22.58
CA LYS A 251 -14.65 -7.32 23.73
C LYS A 251 -15.74 -8.02 24.54
N PHE A 252 -15.64 -7.83 25.84
CA PHE A 252 -16.57 -8.47 26.75
C PHE A 252 -16.69 -7.48 27.83
N ASP A 253 -17.60 -6.53 27.62
CA ASP A 253 -17.85 -5.47 28.63
C ASP A 253 -19.28 -5.56 29.11
N GLU A 254 -19.48 -5.23 30.38
CA GLU A 254 -20.82 -5.27 30.99
C GLU A 254 -21.27 -6.71 31.22
N ARG A 255 -20.51 -7.66 30.65
CA ARG A 255 -20.78 -9.11 30.74
C ARG A 255 -19.88 -9.73 31.91
N LEU A 256 -20.35 -10.79 32.57
CA LEU A 256 -19.48 -11.55 33.47
C LEU A 256 -19.45 -13.00 33.00
N VAL A 257 -18.36 -13.66 33.30
CA VAL A 257 -18.23 -15.10 33.11
C VAL A 257 -18.36 -15.72 34.52
N TYR A 258 -19.18 -16.75 34.63
CA TYR A 258 -19.44 -17.37 35.95
C TYR A 258 -18.63 -18.63 36.01
N THR A 259 -18.16 -19.00 37.19
CA THR A 259 -17.28 -20.15 37.27
C THR A 259 -17.85 -21.10 38.26
N SER A 260 -17.64 -22.40 38.08
CA SER A 260 -18.15 -23.38 39.07
C SER A 260 -17.10 -23.76 40.13
N PHE A 261 -15.94 -23.10 40.09
CA PHE A 261 -14.83 -23.29 41.00
C PHE A 261 -14.53 -21.87 41.53
N SER A 262 -13.95 -21.77 42.73
CA SER A 262 -13.66 -20.44 43.25
C SER A 262 -12.16 -20.44 43.27
N GLN A 263 -11.53 -19.29 43.09
CA GLN A 263 -10.09 -19.22 43.43
C GLN A 263 -9.89 -17.97 44.29
N LYS B 3 -21.29 7.20 13.21
CA LYS B 3 -19.81 7.28 13.18
C LYS B 3 -19.30 6.03 13.88
N TRP B 4 -18.10 5.61 13.56
CA TRP B 4 -17.60 4.41 14.19
C TRP B 4 -17.39 4.55 15.68
N THR B 5 -17.49 3.42 16.39
CA THR B 5 -17.31 3.44 17.83
C THR B 5 -16.52 2.21 18.21
N TYR B 6 -16.34 2.02 19.52
CA TYR B 6 -15.75 0.76 20.04
C TYR B 6 -16.74 -0.16 20.74
N PHE B 7 -18.04 0.06 20.56
CA PHE B 7 -19.07 -0.85 21.15
C PHE B 7 -20.32 -0.81 20.27
N GLY B 8 -21.09 -1.90 20.26
CA GLY B 8 -22.37 -1.94 19.53
C GLY B 8 -22.15 -2.06 18.03
N PRO B 9 -23.23 -1.84 17.25
CA PRO B 9 -23.25 -2.04 15.80
C PRO B 9 -22.14 -1.41 14.99
N ASP B 10 -21.61 -0.26 15.43
CA ASP B 10 -20.61 0.42 14.63
C ASP B 10 -19.20 0.23 15.21
N GLY B 11 -19.10 -0.76 16.10
CA GLY B 11 -17.86 -1.26 16.79
C GLY B 11 -16.89 -1.95 15.84
N GLU B 12 -15.81 -2.43 16.40
CA GLU B 12 -14.61 -2.69 15.59
C GLU B 12 -14.76 -3.79 14.57
N ASN B 13 -15.64 -4.77 14.81
CA ASN B 13 -15.81 -5.83 13.83
C ASN B 13 -16.58 -5.35 12.62
N SER B 14 -17.21 -4.19 12.75
CA SER B 14 -17.89 -3.47 11.62
C SER B 14 -17.16 -2.37 10.90
N TRP B 15 -15.98 -1.98 11.40
CA TRP B 15 -15.22 -0.89 10.79
C TRP B 15 -14.98 -1.10 9.30
N SER B 16 -14.75 -2.37 8.92
CA SER B 16 -14.35 -2.70 7.56
C SER B 16 -15.49 -2.49 6.56
N LYS B 17 -16.72 -2.43 7.06
CA LYS B 17 -17.87 -2.09 6.22
C LYS B 17 -17.72 -0.72 5.52
N LYS B 18 -17.22 0.27 6.27
CA LYS B 18 -17.11 1.65 5.76
C LYS B 18 -15.66 1.99 5.48
N TYR B 19 -14.75 1.31 6.18
CA TYR B 19 -13.30 1.65 6.11
C TYR B 19 -12.53 0.39 5.72
N PRO B 20 -12.40 0.11 4.40
CA PRO B 20 -11.88 -1.22 3.98
C PRO B 20 -10.54 -1.61 4.60
N SER B 21 -9.66 -0.61 4.85
CA SER B 21 -8.33 -0.93 5.33
C SER B 21 -8.38 -1.61 6.72
N CYS B 22 -9.48 -1.45 7.41
CA CYS B 22 -9.65 -2.02 8.78
C CYS B 22 -9.76 -3.51 8.67
N GLY B 23 -10.14 -3.98 7.46
CA GLY B 23 -9.98 -5.41 7.14
C GLY B 23 -8.88 -5.79 6.14
N GLY B 24 -7.94 -4.90 5.99
CA GLY B 24 -6.80 -5.16 5.09
C GLY B 24 -5.55 -5.58 5.85
N LEU B 25 -4.41 -5.30 5.26
CA LEU B 25 -3.06 -5.77 5.66
C LEU B 25 -2.51 -4.95 6.82
N LEU B 26 -1.54 -5.56 7.49
CA LEU B 26 -0.67 -4.86 8.43
C LEU B 26 -1.46 -4.20 9.56
N GLN B 27 -2.57 -4.78 9.97
CA GLN B 27 -3.37 -4.12 11.05
C GLN B 27 -2.65 -4.22 12.45
N SER B 28 -2.85 -3.20 13.27
CA SER B 28 -2.40 -3.07 14.61
C SER B 28 -3.65 -2.83 15.49
N PRO B 29 -3.50 -3.02 16.81
CA PRO B 29 -2.31 -3.42 17.55
C PRO B 29 -2.11 -4.97 17.52
N ILE B 30 -1.04 -5.42 18.16
CA ILE B 30 -0.75 -6.85 18.18
C ILE B 30 -0.32 -7.24 19.60
N ASP B 31 -0.31 -8.55 19.82
CA ASP B 31 0.28 -9.11 21.02
C ASP B 31 1.75 -9.39 20.74
N LEU B 32 2.57 -8.80 21.57
CA LEU B 32 4.00 -8.92 21.55
C LEU B 32 4.43 -10.13 22.33
N HIS B 33 4.76 -11.21 21.61
CA HIS B 33 5.07 -12.50 22.30
C HIS B 33 6.22 -13.21 21.62
N SER B 34 6.96 -14.06 22.37
CA SER B 34 8.26 -14.53 21.91
C SER B 34 8.27 -15.12 20.47
N ASP B 35 7.20 -15.84 20.06
CA ASP B 35 7.20 -16.53 18.77
C ASP B 35 7.36 -15.62 17.58
N ILE B 36 7.03 -14.33 17.75
CA ILE B 36 7.03 -13.40 16.64
C ILE B 36 8.12 -12.31 16.82
N LEU B 37 9.01 -12.47 17.81
CA LEU B 37 10.01 -11.42 18.10
C LEU B 37 11.35 -11.84 17.46
N GLN B 38 12.16 -10.86 17.05
CA GLN B 38 13.51 -11.17 16.58
C GLN B 38 14.40 -10.02 17.01
N TYR B 39 15.47 -10.30 17.79
CA TYR B 39 16.45 -9.25 18.13
C TYR B 39 17.11 -8.71 16.86
N ASP B 40 17.18 -7.37 16.72
CA ASP B 40 17.83 -6.74 15.58
C ASP B 40 18.85 -5.79 16.19
N ALA B 41 20.08 -6.30 16.27
CA ALA B 41 21.21 -5.53 16.74
C ALA B 41 21.46 -4.15 16.02
N SER B 42 20.97 -3.91 14.82
CA SER B 42 21.16 -2.59 14.17
C SER B 42 20.19 -1.52 14.64
N LEU B 43 19.18 -1.91 15.40
CA LEU B 43 18.22 -0.88 15.85
C LEU B 43 18.88 0.04 16.85
N THR B 44 18.69 1.34 16.69
CA THR B 44 19.42 2.28 17.57
C THR B 44 18.45 3.05 18.45
N PRO B 45 18.97 3.66 19.52
CA PRO B 45 18.10 4.39 20.41
C PRO B 45 17.54 5.57 19.71
N LEU B 46 16.26 5.82 19.90
CA LEU B 46 15.69 7.06 19.40
C LEU B 46 16.22 8.25 20.22
N GLU B 47 16.22 9.39 19.56
CA GLU B 47 16.57 10.65 20.18
C GLU B 47 15.37 11.55 20.05
N PHE B 48 14.98 12.14 21.18
CA PHE B 48 13.79 13.05 21.23
C PHE B 48 14.19 14.49 21.26
N GLN B 49 13.83 15.21 20.21
CA GLN B 49 14.33 16.59 20.06
C GLN B 49 13.14 17.52 20.09
N GLY B 50 13.22 18.57 20.90
CA GLY B 50 12.14 19.54 20.85
C GLY B 50 10.95 19.07 21.70
N TYR B 51 11.13 17.99 22.48
CA TYR B 51 10.10 17.43 23.38
C TYR B 51 9.86 18.37 24.55
N ASN B 52 10.86 19.19 24.87
CA ASN B 52 10.68 20.01 26.06
C ASN B 52 9.96 21.30 25.60
N LEU B 53 8.63 21.30 25.72
CA LEU B 53 7.83 22.39 25.10
C LEU B 53 7.88 23.59 26.00
N SER B 54 7.91 24.80 25.44
CA SER B 54 8.05 25.98 26.30
C SER B 54 6.78 26.10 27.17
N ALA B 55 6.95 26.30 28.48
CA ALA B 55 5.82 26.54 29.40
C ALA B 55 5.07 27.83 29.00
N ASN B 56 5.78 28.76 28.35
CA ASN B 56 5.10 30.01 27.86
C ASN B 56 4.25 29.85 26.61
N LYS B 57 4.37 28.70 25.91
CA LYS B 57 3.51 28.41 24.78
C LYS B 57 2.34 27.51 25.24
N GLN B 58 1.36 27.32 24.38
CA GLN B 58 0.21 26.50 24.80
C GLN B 58 -0.12 25.60 23.68
N PHE B 59 -0.78 24.49 24.03
CA PHE B 59 -1.02 23.42 23.04
C PHE B 59 -2.43 22.96 23.28
N LEU B 60 -3.14 22.78 22.20
CA LEU B 60 -4.60 22.49 22.27
C LEU B 60 -4.85 21.05 22.68
N LEU B 61 -5.70 20.87 23.69
CA LEU B 61 -6.20 19.54 24.11
C LEU B 61 -7.68 19.51 23.62
N THR B 62 -8.04 18.42 22.94
CA THR B 62 -9.32 18.26 22.27
C THR B 62 -9.86 16.88 22.59
N ASN B 63 -11.14 16.82 22.89
CA ASN B 63 -11.88 15.57 22.88
C ASN B 63 -12.42 15.42 21.45
N ASN B 64 -11.93 14.40 20.74
CA ASN B 64 -12.35 14.22 19.39
C ASN B 64 -13.44 13.16 19.25
N GLY B 65 -13.99 12.72 20.38
CA GLY B 65 -15.08 11.75 20.31
C GLY B 65 -14.55 10.33 20.37
N HIS B 66 -13.22 10.13 20.22
CA HIS B 66 -12.60 8.78 20.22
C HIS B 66 -11.52 8.68 21.31
N SER B 67 -10.92 9.80 21.69
CA SER B 67 -9.83 9.79 22.70
C SER B 67 -9.73 11.24 23.14
N VAL B 68 -8.78 11.54 24.00
CA VAL B 68 -8.42 12.94 24.22
C VAL B 68 -7.05 13.14 23.57
N LYS B 69 -6.89 14.19 22.79
CA LYS B 69 -5.63 14.36 22.09
C LYS B 69 -5.02 15.68 22.43
N LEU B 70 -3.69 15.70 22.45
CA LEU B 70 -2.97 16.96 22.66
C LEU B 70 -2.24 17.25 21.34
N ASN B 71 -2.46 18.43 20.80
CA ASN B 71 -1.78 18.83 19.56
C ASN B 71 -0.32 19.14 19.92
N LEU B 72 0.59 18.77 19.02
CA LEU B 72 2.02 18.93 19.29
C LEU B 72 2.62 19.66 18.11
N PRO B 73 3.69 20.42 18.32
CA PRO B 73 4.26 21.25 17.22
C PRO B 73 5.21 20.45 16.31
N SER B 74 5.27 20.82 15.04
CA SER B 74 6.13 20.08 14.09
C SER B 74 7.65 20.25 14.38
N ASP B 75 8.02 21.17 15.27
CA ASP B 75 9.45 21.33 15.66
C ASP B 75 9.90 20.26 16.69
N MET B 76 8.95 19.54 17.27
CA MET B 76 9.27 18.41 18.08
C MET B 76 9.54 17.20 17.15
N HIS B 77 10.63 16.48 17.33
CA HIS B 77 10.83 15.40 16.38
C HIS B 77 11.62 14.29 16.90
N ILE B 78 11.67 13.20 16.12
CA ILE B 78 12.46 12.08 16.53
C ILE B 78 13.52 11.80 15.47
N GLN B 79 14.67 11.42 15.99
CA GLN B 79 15.82 10.94 15.23
C GLN B 79 16.14 9.50 15.60
N GLY B 80 16.65 8.76 14.62
CA GLY B 80 16.95 7.37 14.89
C GLY B 80 16.18 6.52 13.96
N LEU B 81 15.34 7.16 13.15
CA LEU B 81 14.68 6.43 12.13
C LEU B 81 15.33 6.88 10.81
N GLN B 82 15.05 6.17 9.75
CA GLN B 82 15.66 6.56 8.48
C GLN B 82 15.24 7.95 7.92
N SER B 83 14.03 8.41 8.21
CA SER B 83 13.69 9.79 7.89
C SER B 83 13.47 10.53 9.22
N ARG B 84 13.48 11.87 9.19
N ARG B 84 13.44 11.86 9.14
N ARG B 84 13.53 11.88 9.22
CA ARG B 84 13.02 12.61 10.35
CA ARG B 84 12.95 12.72 10.20
CA ARG B 84 13.03 12.65 10.40
C ARG B 84 11.50 12.51 10.39
C ARG B 84 11.44 12.52 10.36
C ARG B 84 11.52 12.51 10.40
N TYR B 85 10.98 12.23 11.59
CA TYR B 85 9.54 12.26 11.81
C TYR B 85 9.24 13.41 12.79
N SER B 86 8.20 14.21 12.50
CA SER B 86 7.94 15.36 13.37
C SER B 86 6.58 15.11 14.03
N ALA B 87 6.41 15.65 15.24
CA ALA B 87 5.22 15.32 16.03
C ALA B 87 4.00 16.00 15.44
N THR B 88 2.84 15.40 15.66
CA THR B 88 1.57 16.04 15.34
C THR B 88 0.59 16.04 16.53
N GLN B 89 0.57 14.95 17.31
CA GLN B 89 -0.37 14.86 18.44
C GLN B 89 -0.02 13.70 19.31
N LEU B 90 -0.51 13.71 20.53
CA LEU B 90 -0.50 12.47 21.30
C LEU B 90 -1.93 12.23 21.86
N HIS B 91 -2.21 11.01 22.27
CA HIS B 91 -3.54 10.71 22.81
C HIS B 91 -3.41 9.40 23.56
N LEU B 92 -4.50 8.94 24.15
CA LEU B 92 -4.51 7.76 25.02
C LEU B 92 -5.68 6.78 24.68
N HIS B 93 -5.45 5.55 25.07
CA HIS B 93 -6.43 4.46 25.03
C HIS B 93 -6.52 3.88 26.45
N TRP B 94 -7.73 3.56 26.89
CA TRP B 94 -7.86 2.99 28.23
C TRP B 94 -9.05 2.06 28.30
N GLY B 95 -9.26 1.43 29.47
CA GLY B 95 -10.30 0.45 29.61
C GLY B 95 -11.48 1.03 30.38
N ASN B 96 -11.79 0.42 31.52
CA ASN B 96 -12.96 0.95 32.27
C ASN B 96 -12.76 0.63 33.76
N PRO B 97 -13.57 1.21 34.66
CA PRO B 97 -13.23 0.96 36.08
C PRO B 97 -13.50 -0.46 36.55
N ASN B 98 -14.42 -1.17 35.93
CA ASN B 98 -14.62 -2.60 36.26
C ASN B 98 -13.51 -3.50 35.69
N ASP B 99 -12.75 -3.01 34.70
CA ASP B 99 -11.70 -3.86 34.10
C ASP B 99 -10.60 -2.92 33.54
N PRO B 100 -9.72 -2.43 34.43
CA PRO B 100 -8.82 -1.30 34.07
C PRO B 100 -7.62 -1.81 33.30
N HIS B 101 -7.89 -2.36 32.11
CA HIS B 101 -6.85 -2.99 31.30
C HIS B 101 -7.15 -2.70 29.86
N GLY B 102 -6.84 -1.50 29.43
CA GLY B 102 -7.20 -1.10 28.08
C GLY B 102 -6.05 -0.56 27.21
N SER B 103 -4.83 -1.06 27.43
CA SER B 103 -3.79 -0.81 26.43
C SER B 103 -4.25 -1.48 25.13
N GLU B 104 -3.64 -1.03 24.05
CA GLU B 104 -3.87 -1.56 22.72
C GLU B 104 -2.95 -2.73 22.43
N HIS B 105 -1.64 -2.48 22.54
CA HIS B 105 -0.71 -3.62 22.53
C HIS B 105 -0.75 -4.41 23.80
N THR B 106 -0.49 -5.71 23.67
CA THR B 106 -0.35 -6.63 24.83
C THR B 106 1.02 -7.26 24.78
N VAL B 107 1.56 -7.64 25.93
CA VAL B 107 2.86 -8.25 25.99
C VAL B 107 2.63 -9.62 26.61
N SER B 108 2.98 -10.67 25.87
CA SER B 108 2.74 -12.07 26.32
C SER B 108 1.33 -12.22 26.81
N GLY B 109 0.38 -11.63 26.05
CA GLY B 109 -1.05 -11.73 26.32
C GLY B 109 -1.63 -10.79 27.38
N GLN B 110 -0.77 -10.05 28.05
CA GLN B 110 -1.23 -9.18 29.12
C GLN B 110 -1.51 -7.77 28.67
N HIS B 111 -2.68 -7.27 29.05
CA HIS B 111 -3.03 -5.85 28.81
C HIS B 111 -2.56 -4.98 29.90
N PHE B 112 -1.98 -3.84 29.55
CA PHE B 112 -1.65 -2.86 30.53
C PHE B 112 -2.91 -1.99 30.78
N ALA B 113 -2.87 -1.18 31.83
CA ALA B 113 -3.99 -0.34 32.19
C ALA B 113 -4.38 0.61 31.05
N ALA B 114 -3.36 1.20 30.39
CA ALA B 114 -3.67 2.19 29.37
C ALA B 114 -2.49 2.34 28.43
N GLU B 115 -2.60 3.19 27.40
CA GLU B 115 -1.45 3.29 26.46
C GLU B 115 -1.46 4.68 25.90
N LEU B 116 -0.28 5.27 25.80
CA LEU B 116 -0.07 6.61 25.26
C LEU B 116 0.56 6.42 23.90
N HIS B 117 0.00 7.13 22.93
CA HIS B 117 0.55 7.21 21.57
C HIS B 117 0.98 8.60 21.20
N ILE B 118 2.23 8.75 20.80
CA ILE B 118 2.79 10.03 20.35
C ILE B 118 3.01 9.88 18.85
N VAL B 119 2.21 10.59 18.07
CA VAL B 119 2.04 10.38 16.61
C VAL B 119 2.93 11.37 15.90
N HIS B 120 3.71 10.85 14.96
CA HIS B 120 4.63 11.68 14.15
C HIS B 120 4.39 11.37 12.71
N TYR B 121 4.69 12.32 11.81
CA TYR B 121 4.63 12.06 10.36
C TYR B 121 6.00 12.30 9.72
N ASN B 122 6.18 11.67 8.56
CA ASN B 122 7.46 11.73 7.86
C ASN B 122 7.58 13.14 7.22
N SER B 123 8.26 14.05 7.90
CA SER B 123 8.30 15.47 7.42
C SER B 123 9.39 15.67 6.34
N ASP B 124 10.26 14.67 6.21
CA ASP B 124 11.20 14.66 5.08
C ASP B 124 10.48 14.44 3.76
N LEU B 125 9.42 13.62 3.75
CA LEU B 125 8.71 13.30 2.53
C LEU B 125 7.42 14.08 2.34
N TYR B 126 6.83 14.54 3.44
CA TYR B 126 5.44 15.01 3.40
C TYR B 126 5.30 16.31 4.18
N PRO B 127 4.36 17.18 3.75
CA PRO B 127 4.19 18.54 4.30
C PRO B 127 3.50 18.56 5.67
N ASP B 128 2.66 17.57 5.91
CA ASP B 128 1.82 17.55 7.10
C ASP B 128 1.37 16.13 7.35
N ALA B 129 0.76 15.90 8.53
CA ALA B 129 0.35 14.55 8.95
C ALA B 129 -0.79 14.04 8.10
N SER B 130 -1.70 14.95 7.79
CA SER B 130 -2.87 14.59 7.04
C SER B 130 -2.45 13.92 5.70
N THR B 131 -1.56 14.58 4.97
CA THR B 131 -1.03 14.06 3.71
C THR B 131 -0.20 12.78 3.89
N ALA B 132 0.64 12.76 4.92
CA ALA B 132 1.48 11.61 5.26
C ALA B 132 0.65 10.35 5.61
N SER B 133 -0.53 10.57 6.15
CA SER B 133 -1.28 9.46 6.83
C SER B 133 -1.71 8.37 5.90
N ASN B 134 -2.03 8.68 4.63
CA ASN B 134 -2.34 7.59 3.75
C ASN B 134 -1.30 7.34 2.69
N LYS B 135 -0.04 7.61 3.00
N LYS B 135 -0.04 7.60 3.01
CA LYS B 135 1.03 7.44 2.02
CA LYS B 135 1.04 7.43 2.06
C LYS B 135 2.15 6.63 2.63
C LYS B 135 2.14 6.59 2.64
N SER B 136 2.89 5.94 1.75
CA SER B 136 4.01 5.10 2.16
C SER B 136 4.93 5.86 3.11
N GLU B 137 5.38 5.15 4.15
CA GLU B 137 6.24 5.66 5.17
C GLU B 137 5.69 6.82 5.96
N GLY B 138 4.38 6.96 5.98
CA GLY B 138 3.83 8.24 6.39
C GLY B 138 3.98 8.58 7.84
N LEU B 139 3.86 7.56 8.70
CA LEU B 139 3.57 7.86 10.12
C LEU B 139 4.48 7.02 10.94
N ALA B 140 4.92 7.57 12.09
CA ALA B 140 5.63 6.81 13.13
C ALA B 140 4.97 7.12 14.48
N VAL B 141 4.52 6.09 15.18
CA VAL B 141 3.86 6.30 16.44
C VAL B 141 4.74 5.71 17.55
N LEU B 142 4.93 6.41 18.67
CA LEU B 142 5.60 5.84 19.84
C LEU B 142 4.52 5.44 20.81
N ALA B 143 4.64 4.26 21.41
CA ALA B 143 3.60 3.77 22.33
C ALA B 143 4.26 3.49 23.63
N VAL B 144 3.64 4.06 24.65
CA VAL B 144 4.09 3.84 26.03
C VAL B 144 3.00 3.08 26.75
N LEU B 145 3.36 1.93 27.33
CA LEU B 145 2.40 1.14 28.15
C LEU B 145 2.31 1.77 29.52
N ILE B 146 1.11 1.80 30.09
CA ILE B 146 0.92 2.47 31.38
C ILE B 146 0.31 1.46 32.36
N GLU B 147 0.86 1.40 33.56
CA GLU B 147 0.29 0.56 34.61
C GLU B 147 -0.01 1.40 35.83
N MET B 148 -0.82 0.83 36.73
N MET B 148 -0.92 0.93 36.69
CA MET B 148 -1.02 1.33 38.09
CA MET B 148 -1.17 1.58 38.01
C MET B 148 0.28 1.42 38.89
C MET B 148 0.02 1.43 38.94
N GLY B 149 0.42 2.51 39.61
CA GLY B 149 1.46 2.55 40.68
C GLY B 149 1.49 3.95 41.26
N SER B 150 2.65 4.57 41.29
CA SER B 150 2.80 5.85 41.96
C SER B 150 2.17 6.97 41.16
N PHE B 151 1.77 8.03 41.83
CA PHE B 151 1.24 9.21 41.17
C PHE B 151 2.29 9.80 40.23
N ASN B 152 1.84 10.23 39.05
CA ASN B 152 2.76 10.68 37.98
C ASN B 152 2.44 12.14 37.70
N PRO B 153 3.31 13.06 38.15
CA PRO B 153 3.03 14.47 38.05
C PRO B 153 3.07 14.88 36.61
N SER B 154 3.82 14.12 35.81
CA SER B 154 3.87 14.47 34.41
C SER B 154 2.59 14.21 33.64
N TYR B 155 2.07 12.98 33.74
CA TYR B 155 0.76 12.65 33.18
C TYR B 155 -0.29 13.58 33.73
N ASP B 156 -0.10 14.10 34.94
CA ASP B 156 -1.10 15.01 35.47
C ASP B 156 -1.16 16.36 34.79
N LYS B 157 -0.07 16.70 34.09
CA LYS B 157 -0.11 17.90 33.23
C LYS B 157 -1.12 17.79 32.08
N ILE B 158 -1.49 16.56 31.71
CA ILE B 158 -2.66 16.33 30.83
C ILE B 158 -3.96 16.09 31.69
N PHE B 159 -3.91 15.16 32.65
CA PHE B 159 -5.14 14.68 33.32
C PHE B 159 -5.86 15.80 34.11
N SER B 160 -5.09 16.75 34.61
CA SER B 160 -5.71 17.78 35.45
C SER B 160 -6.63 18.71 34.61
N HIS B 161 -6.59 18.63 33.28
CA HIS B 161 -7.47 19.47 32.45
C HIS B 161 -8.62 18.73 31.84
N LEU B 162 -8.76 17.44 32.17
CA LEU B 162 -9.81 16.56 31.56
C LEU B 162 -11.24 17.12 31.68
N GLN B 163 -11.58 17.74 32.78
CA GLN B 163 -12.97 18.22 32.93
C GLN B 163 -13.32 19.38 31.99
N HIS B 164 -12.34 19.99 31.36
CA HIS B 164 -12.60 21.00 30.31
C HIS B 164 -12.82 20.48 28.93
N VAL B 165 -12.66 19.16 28.76
CA VAL B 165 -12.83 18.56 27.45
C VAL B 165 -13.73 17.32 27.57
N LYS B 166 -14.74 17.44 28.41
CA LYS B 166 -15.55 16.25 28.73
C LYS B 166 -16.29 15.70 27.56
N TYR B 167 -16.76 16.57 26.69
CA TYR B 167 -17.58 16.17 25.54
C TYR B 167 -16.91 16.37 24.21
N LYS B 168 -17.42 15.67 23.23
CA LYS B 168 -16.79 15.66 21.91
C LYS B 168 -16.76 17.09 21.34
N GLY B 169 -15.62 17.53 20.86
CA GLY B 169 -15.52 18.85 20.25
C GLY B 169 -15.02 19.89 21.22
N GLN B 170 -15.10 19.57 22.51
CA GLN B 170 -14.52 20.51 23.47
C GLN B 170 -12.97 20.53 23.48
N GLU B 171 -12.43 21.71 23.70
CA GLU B 171 -10.98 22.00 23.57
C GLU B 171 -10.54 22.89 24.69
N ALA B 172 -9.30 22.75 25.12
CA ALA B 172 -8.76 23.58 26.22
C ALA B 172 -7.27 23.74 25.88
N PHE B 173 -6.70 24.91 26.09
CA PHE B 173 -5.20 25.03 25.90
C PHE B 173 -4.46 24.59 27.16
N VAL B 174 -3.35 23.87 26.99
CA VAL B 174 -2.50 23.37 28.05
C VAL B 174 -1.09 24.04 27.89
N PRO B 175 -0.48 24.55 28.98
CA PRO B 175 0.88 25.11 28.82
C PRO B 175 1.84 24.02 28.43
N GLY B 176 2.89 24.38 27.69
CA GLY B 176 3.89 23.40 27.33
C GLY B 176 4.54 22.81 28.56
N PHE B 177 4.95 21.54 28.44
CA PHE B 177 5.76 20.87 29.45
C PHE B 177 6.64 19.89 28.73
N ASN B 178 7.52 19.21 29.46
CA ASN B 178 8.47 18.36 28.77
C ASN B 178 7.81 17.01 28.45
N ILE B 179 7.47 16.75 27.19
CA ILE B 179 6.83 15.50 26.81
C ILE B 179 7.71 14.26 27.06
N GLU B 180 9.03 14.44 27.11
N GLU B 180 9.04 14.42 27.10
CA GLU B 180 9.92 13.33 27.46
CA GLU B 180 9.92 13.28 27.46
C GLU B 180 9.62 12.72 28.83
C GLU B 180 9.61 12.70 28.84
N GLU B 181 8.96 13.50 29.68
CA GLU B 181 8.63 13.05 31.02
C GLU B 181 7.53 11.98 30.97
N LEU B 182 6.79 11.93 29.87
CA LEU B 182 5.79 10.85 29.68
C LEU B 182 6.38 9.52 29.27
N LEU B 183 7.68 9.53 28.91
CA LEU B 183 8.33 8.30 28.38
C LEU B 183 8.88 7.49 29.52
N PRO B 184 9.03 6.17 29.30
CA PRO B 184 9.55 5.38 30.38
C PRO B 184 11.04 5.47 30.53
N GLU B 185 11.52 4.63 31.46
N GLU B 185 11.55 4.70 31.48
CA GLU B 185 12.90 4.26 31.64
CA GLU B 185 12.98 4.51 31.62
C GLU B 185 13.45 3.52 30.43
C GLU B 185 13.49 3.54 30.56
N ARG B 186 14.72 3.78 30.11
CA ARG B 186 15.41 2.91 29.20
C ARG B 186 14.64 2.82 27.88
N THR B 187 14.34 4.00 27.33
CA THR B 187 13.65 4.01 26.09
C THR B 187 14.46 3.30 25.01
N ALA B 188 15.73 2.99 25.27
CA ALA B 188 16.51 2.32 24.22
C ALA B 188 15.95 0.90 23.90
N GLU B 189 15.22 0.31 24.84
CA GLU B 189 14.68 -0.99 24.68
C GLU B 189 13.23 -0.92 24.20
N TYR B 190 12.99 -1.44 23.02
CA TYR B 190 11.68 -1.32 22.39
C TYR B 190 11.39 -2.42 21.38
N TYR B 191 10.11 -2.57 21.05
CA TYR B 191 9.69 -3.42 19.95
C TYR B 191 9.37 -2.54 18.77
N ARG B 192 9.65 -3.02 17.55
CA ARG B 192 9.40 -2.18 16.41
C ARG B 192 8.81 -3.01 15.28
N TYR B 193 7.74 -2.53 14.68
CA TYR B 193 7.13 -3.30 13.60
C TYR B 193 6.32 -2.39 12.67
N ARG B 194 6.11 -2.82 11.44
CA ARG B 194 5.22 -2.12 10.49
C ARG B 194 3.79 -2.47 10.72
N GLY B 195 2.94 -1.46 10.95
CA GLY B 195 1.53 -1.75 11.15
C GLY B 195 0.63 -0.65 10.65
N SER B 196 -0.45 -0.36 11.38
CA SER B 196 -1.47 0.48 10.85
C SER B 196 -1.96 1.44 11.94
N LEU B 197 -2.81 2.38 11.51
CA LEU B 197 -3.67 3.09 12.49
C LEU B 197 -4.52 2.04 13.21
N THR B 198 -4.83 2.26 14.48
CA THR B 198 -5.55 1.26 15.26
C THR B 198 -6.98 1.82 15.33
N THR B 199 -7.27 2.89 14.59
CA THR B 199 -8.67 3.27 14.42
C THR B 199 -8.95 3.48 12.95
N PRO B 200 -10.24 3.54 12.56
CA PRO B 200 -10.58 3.96 11.21
C PRO B 200 -9.84 5.28 10.92
N PRO B 201 -9.23 5.40 9.73
CA PRO B 201 -9.43 4.50 8.59
C PRO B 201 -8.44 3.32 8.52
N CYS B 202 -7.68 3.06 9.63
CA CYS B 202 -6.82 1.85 9.72
C CYS B 202 -5.73 1.75 8.62
N ASN B 203 -5.25 2.89 8.14
CA ASN B 203 -4.30 2.92 7.02
C ASN B 203 -3.06 2.13 7.46
N PRO B 204 -2.55 1.22 6.60
CA PRO B 204 -1.34 0.45 6.94
C PRO B 204 -0.02 1.22 6.69
N THR B 205 0.11 2.39 7.34
CA THR B 205 1.16 3.34 7.03
C THR B 205 1.96 3.76 8.30
N VAL B 206 1.90 2.95 9.35
CA VAL B 206 2.51 3.30 10.65
C VAL B 206 3.71 2.42 10.99
N LEU B 207 4.82 3.07 11.29
CA LEU B 207 6.00 2.38 11.87
C LEU B 207 5.78 2.54 13.36
N TRP B 208 5.58 1.41 14.02
CA TRP B 208 5.36 1.39 15.47
C TRP B 208 6.60 1.13 16.23
N THR B 209 6.76 1.89 17.32
CA THR B 209 7.76 1.62 18.33
C THR B 209 7.05 1.58 19.65
N VAL B 210 7.13 0.44 20.34
CA VAL B 210 6.44 0.31 21.61
C VAL B 210 7.54 0.12 22.64
N PHE B 211 7.63 0.97 23.65
CA PHE B 211 8.76 0.82 24.56
C PHE B 211 8.58 -0.43 25.42
N ARG B 212 9.72 -1.02 25.80
CA ARG B 212 9.66 -2.24 26.57
C ARG B 212 9.12 -1.99 27.98
N ASN B 213 9.48 -0.86 28.56
CA ASN B 213 9.17 -0.59 30.00
C ASN B 213 7.94 0.30 30.12
N PRO B 214 6.99 -0.03 31.01
CA PRO B 214 5.78 0.75 31.21
C PRO B 214 6.16 1.94 32.13
N VAL B 215 5.31 2.96 32.15
CA VAL B 215 5.33 3.99 33.15
C VAL B 215 4.18 3.73 34.14
N GLN B 216 4.24 4.38 35.29
CA GLN B 216 3.16 4.24 36.31
C GLN B 216 2.36 5.53 36.45
N ILE B 217 1.04 5.37 36.61
CA ILE B 217 0.16 6.42 37.08
C ILE B 217 -0.64 5.92 38.30
N SER B 218 -1.17 6.80 39.13
CA SER B 218 -1.84 6.30 40.34
C SER B 218 -3.22 5.69 39.99
N GLN B 219 -3.79 4.94 40.93
CA GLN B 219 -5.15 4.44 40.69
C GLN B 219 -6.10 5.58 40.55
N GLU B 220 -5.88 6.66 41.29
CA GLU B 220 -6.77 7.81 41.18
C GLU B 220 -6.68 8.48 39.80
N GLN B 221 -5.45 8.60 39.28
CA GLN B 221 -5.24 9.14 37.92
C GLN B 221 -5.95 8.30 36.86
N LEU B 222 -5.75 6.98 36.96
CA LEU B 222 -6.38 6.07 35.97
C LEU B 222 -7.92 6.18 36.00
N LEU B 223 -8.47 6.25 37.20
CA LEU B 223 -9.90 6.34 37.35
C LEU B 223 -10.38 7.68 36.82
N ALA B 224 -9.64 8.75 37.05
CA ALA B 224 -10.04 10.01 36.50
C ALA B 224 -10.09 9.87 34.95
N LEU B 225 -9.08 9.23 34.37
CA LEU B 225 -9.03 9.20 32.90
C LEU B 225 -10.22 8.35 32.41
N GLU B 226 -10.51 7.28 33.11
CA GLU B 226 -11.60 6.39 32.71
C GLU B 226 -13.02 6.94 32.86
N THR B 227 -13.21 7.96 33.70
CA THR B 227 -14.57 8.51 34.03
C THR B 227 -14.82 9.94 33.57
N ALA B 228 -13.77 10.61 33.05
CA ALA B 228 -13.87 12.06 32.78
C ALA B 228 -14.64 12.40 31.52
N LEU B 229 -14.55 11.51 30.53
CA LEU B 229 -14.84 11.88 29.15
C LEU B 229 -16.03 11.13 28.55
N TYR B 230 -16.69 11.79 27.59
CA TYR B 230 -17.79 11.24 26.81
C TYR B 230 -17.40 11.26 25.33
N CYS B 231 -17.86 10.24 24.60
CA CYS B 231 -17.70 10.18 23.12
C CYS B 231 -18.57 11.13 22.37
N THR B 232 -19.58 11.69 23.04
CA THR B 232 -20.72 12.36 22.37
C THR B 232 -20.65 13.88 22.60
N HIS B 233 -21.30 14.65 21.73
CA HIS B 233 -21.31 16.11 21.88
C HIS B 233 -22.16 16.50 23.08
N MET B 234 -21.96 17.70 23.62
N MET B 234 -21.97 17.73 23.57
CA MET B 234 -22.76 18.14 24.80
CA MET B 234 -22.71 18.33 24.71
C MET B 234 -24.27 18.08 24.63
C MET B 234 -24.22 18.53 24.51
N ASP B 235 -24.75 18.06 23.39
CA ASP B 235 -26.18 18.06 23.18
C ASP B 235 -26.72 16.72 22.63
N ASP B 236 -25.95 15.62 22.70
CA ASP B 236 -26.40 14.31 22.16
C ASP B 236 -27.50 13.76 23.07
N PRO B 237 -28.68 13.37 22.46
CA PRO B 237 -29.79 12.77 23.25
C PRO B 237 -29.39 11.43 23.90
N SER B 238 -28.33 10.80 23.37
CA SER B 238 -27.84 9.50 23.85
C SER B 238 -26.31 9.51 24.16
N PRO B 239 -25.95 10.00 25.38
CA PRO B 239 -24.52 10.24 25.75
C PRO B 239 -23.84 8.90 25.92
N ARG B 240 -22.60 8.79 25.47
CA ARG B 240 -21.87 7.53 25.61
C ARG B 240 -20.57 7.92 26.29
N GLU B 241 -20.27 7.24 27.39
CA GLU B 241 -18.99 7.42 28.17
C GLU B 241 -17.83 6.95 27.31
N MET B 242 -16.69 7.65 27.40
CA MET B 242 -15.53 7.24 26.61
C MET B 242 -14.72 6.26 27.45
N ILE B 243 -14.99 4.96 27.22
CA ILE B 243 -14.31 3.90 27.93
C ILE B 243 -14.02 2.78 26.92
N ASN B 244 -13.07 1.91 27.27
CA ASN B 244 -12.68 0.80 26.40
C ASN B 244 -12.42 1.30 24.97
N ASN B 245 -11.69 2.44 24.84
CA ASN B 245 -11.39 2.97 23.50
C ASN B 245 -10.04 2.43 23.01
N PHE B 246 -9.97 1.10 22.89
CA PHE B 246 -8.76 0.44 22.43
C PHE B 246 -9.29 -0.67 21.50
N ARG B 247 -8.50 -0.97 20.47
CA ARG B 247 -8.89 -2.00 19.55
C ARG B 247 -8.37 -3.38 20.02
N GLN B 248 -9.13 -4.46 19.92
CA GLN B 248 -8.53 -5.82 20.07
C GLN B 248 -7.29 -6.07 19.23
N VAL B 249 -6.39 -6.91 19.77
CA VAL B 249 -5.18 -7.22 19.03
C VAL B 249 -5.56 -8.03 17.76
N GLN B 250 -4.76 -7.83 16.71
CA GLN B 250 -4.92 -8.45 15.41
C GLN B 250 -4.08 -9.70 15.17
N LYS B 251 -4.50 -10.53 14.22
CA LYS B 251 -3.62 -11.63 13.75
C LYS B 251 -2.35 -11.05 13.23
N PHE B 252 -1.24 -11.78 13.43
CA PHE B 252 0.08 -11.26 12.97
C PHE B 252 0.82 -12.48 12.51
N ASP B 253 0.60 -12.87 11.26
CA ASP B 253 1.08 -14.17 10.75
C ASP B 253 2.16 -13.84 9.77
N GLU B 254 3.28 -14.57 9.80
CA GLU B 254 4.45 -14.31 8.93
C GLU B 254 5.15 -12.96 9.15
N ARG B 255 4.44 -12.01 9.73
CA ARG B 255 5.02 -10.72 10.07
C ARG B 255 5.96 -10.98 11.30
N LEU B 256 7.01 -10.17 11.52
CA LEU B 256 7.93 -10.33 12.65
C LEU B 256 8.04 -8.95 13.32
N VAL B 257 8.27 -8.95 14.62
CA VAL B 257 8.40 -7.73 15.34
C VAL B 257 9.87 -7.75 15.71
N TYR B 258 10.58 -6.63 15.55
CA TYR B 258 12.01 -6.60 15.85
C TYR B 258 12.18 -5.96 17.17
N THR B 259 13.15 -6.41 17.96
CA THR B 259 13.38 -5.84 19.27
C THR B 259 14.80 -5.27 19.36
N SER B 260 14.95 -4.21 20.15
CA SER B 260 16.27 -3.59 20.30
C SER B 260 16.98 -4.20 21.46
N PHE B 261 16.41 -5.20 22.10
CA PHE B 261 16.96 -5.86 23.26
C PHE B 261 16.87 -7.36 23.03
N SER B 262 17.80 -8.10 23.61
CA SER B 262 17.79 -9.54 23.31
C SER B 262 17.37 -10.29 24.54
N LYS C 3 -0.54 5.08 -40.75
CA LYS C 3 0.73 4.38 -40.40
C LYS C 3 1.46 5.13 -39.29
N TRP C 4 1.34 4.59 -38.10
CA TRP C 4 2.03 5.11 -36.96
C TRP C 4 3.16 4.13 -36.65
N THR C 5 4.17 4.67 -36.01
CA THR C 5 5.36 3.95 -35.65
C THR C 5 5.78 4.41 -34.26
N TYR C 6 6.87 3.83 -33.75
CA TYR C 6 7.46 4.24 -32.49
C TYR C 6 8.75 5.04 -32.67
N PHE C 7 9.11 5.34 -33.93
CA PHE C 7 10.41 6.04 -34.13
C PHE C 7 10.19 7.02 -35.30
N GLY C 8 10.82 8.21 -35.29
CA GLY C 8 10.80 9.12 -36.45
C GLY C 8 9.49 9.93 -36.51
N PRO C 9 9.27 10.66 -37.61
CA PRO C 9 8.16 11.63 -37.59
C PRO C 9 6.77 11.03 -37.51
N ASP C 10 6.59 9.70 -37.71
CA ASP C 10 5.27 9.16 -37.45
C ASP C 10 5.20 8.54 -36.04
N GLY C 11 6.14 8.93 -35.20
CA GLY C 11 6.30 8.35 -33.87
C GLY C 11 5.33 8.91 -32.85
N GLU C 12 5.49 8.51 -31.57
CA GLU C 12 4.36 8.73 -30.63
C GLU C 12 3.91 10.20 -30.37
N ASN C 13 4.82 11.15 -30.51
CA ASN C 13 4.48 12.59 -30.34
C ASN C 13 3.52 13.11 -31.41
N SER C 14 3.37 12.34 -32.48
N SER C 14 3.38 12.37 -32.50
CA SER C 14 2.45 12.67 -33.61
CA SER C 14 2.42 12.76 -33.55
C SER C 14 1.25 11.78 -33.70
C SER C 14 1.28 11.76 -33.72
N TRP C 15 1.16 10.79 -32.82
CA TRP C 15 0.01 9.93 -32.90
C TRP C 15 -1.31 10.68 -32.84
N SER C 16 -1.36 11.72 -31.98
CA SER C 16 -2.57 12.53 -31.77
C SER C 16 -2.98 13.18 -33.09
N LYS C 17 -2.06 13.27 -34.04
CA LYS C 17 -2.49 13.84 -35.36
C LYS C 17 -3.37 12.90 -36.12
N LYS C 18 -3.26 11.60 -35.83
CA LYS C 18 -4.05 10.62 -36.56
C LYS C 18 -5.12 9.97 -35.74
N TYR C 19 -4.93 9.93 -34.42
CA TYR C 19 -5.85 9.26 -33.49
C TYR C 19 -6.15 10.26 -32.36
N PRO C 20 -7.32 10.85 -32.35
CA PRO C 20 -7.50 11.94 -31.37
C PRO C 20 -7.35 11.53 -29.88
N SER C 21 -7.74 10.31 -29.49
CA SER C 21 -7.63 9.96 -28.08
C SER C 21 -6.17 9.91 -27.60
N CYS C 22 -5.18 9.79 -28.53
CA CYS C 22 -3.74 9.74 -28.14
C CYS C 22 -3.28 11.06 -27.50
N GLY C 23 -4.07 12.13 -27.73
CA GLY C 23 -3.75 13.42 -27.14
C GLY C 23 -4.79 13.79 -26.09
N GLY C 24 -5.61 12.81 -25.71
CA GLY C 24 -6.67 13.00 -24.68
C GLY C 24 -6.26 12.68 -23.24
N LEU C 25 -7.30 12.52 -22.41
CA LEU C 25 -7.10 12.22 -21.00
C LEU C 25 -6.87 10.71 -20.78
N LEU C 26 -6.41 10.40 -19.58
CA LEU C 26 -6.33 9.06 -19.06
C LEU C 26 -5.39 8.18 -19.86
N GLN C 27 -4.32 8.75 -20.35
CA GLN C 27 -3.37 7.97 -21.15
C GLN C 27 -2.45 7.04 -20.32
N SER C 28 -2.11 5.88 -20.93
CA SER C 28 -1.12 4.96 -20.39
C SER C 28 0.07 4.83 -21.39
N PRO C 29 1.19 4.31 -20.94
CA PRO C 29 1.45 3.83 -19.58
C PRO C 29 1.87 4.95 -18.62
N ILE C 30 2.18 4.58 -17.37
CA ILE C 30 2.61 5.58 -16.39
C ILE C 30 3.75 5.07 -15.52
N ASP C 31 4.41 6.02 -14.82
CA ASP C 31 5.41 5.70 -13.87
C ASP C 31 4.73 5.47 -12.53
N LEU C 32 5.00 4.31 -11.94
CA LEU C 32 4.38 3.94 -10.65
C LEU C 32 5.34 4.34 -9.59
N HIS C 33 5.01 5.36 -8.77
CA HIS C 33 5.97 5.87 -7.80
C HIS C 33 5.24 6.33 -6.58
N SER C 34 5.95 6.40 -5.45
CA SER C 34 5.30 6.36 -4.13
C SER C 34 4.30 7.46 -3.92
N ASP C 35 4.63 8.68 -4.38
CA ASP C 35 3.72 9.82 -4.08
C ASP C 35 2.32 9.63 -4.61
N ILE C 36 2.17 8.85 -5.68
CA ILE C 36 0.84 8.65 -6.28
C ILE C 36 0.19 7.30 -5.94
N LEU C 37 0.81 6.49 -5.09
CA LEU C 37 0.23 5.19 -4.72
C LEU C 37 -0.67 5.37 -3.50
N GLN C 38 -1.78 4.66 -3.49
CA GLN C 38 -2.66 4.65 -2.33
C GLN C 38 -3.15 3.21 -2.14
N TYR C 39 -2.93 2.70 -0.93
CA TYR C 39 -3.36 1.32 -0.66
C TYR C 39 -4.90 1.25 -0.72
N ASP C 40 -5.41 0.14 -1.23
CA ASP C 40 -6.86 -0.03 -1.32
C ASP C 40 -7.13 -1.50 -1.02
N ALA C 41 -7.63 -1.78 0.20
CA ALA C 41 -7.83 -3.14 0.62
C ALA C 41 -8.99 -3.79 -0.14
N SER C 42 -9.81 -3.00 -0.82
N SER C 42 -9.81 -3.01 -0.83
CA SER C 42 -10.85 -3.59 -1.68
CA SER C 42 -10.83 -3.61 -1.69
C SER C 42 -10.32 -4.16 -3.00
C SER C 42 -10.27 -4.35 -2.90
N LEU C 43 -9.00 -4.10 -3.21
CA LEU C 43 -8.38 -4.74 -4.38
C LEU C 43 -8.04 -6.17 -4.06
N THR C 44 -9.00 -7.08 -4.28
CA THR C 44 -8.82 -8.46 -3.92
C THR C 44 -8.26 -9.26 -5.05
N PRO C 45 -7.86 -10.51 -4.80
CA PRO C 45 -7.21 -11.26 -5.85
C PRO C 45 -8.13 -11.52 -7.04
N LEU C 46 -7.57 -11.47 -8.24
CA LEU C 46 -8.35 -11.80 -9.45
C LEU C 46 -8.33 -13.29 -9.52
N GLU C 47 -9.32 -13.90 -10.12
CA GLU C 47 -9.16 -15.28 -10.44
C GLU C 47 -9.09 -15.47 -11.96
N PHE C 48 -8.14 -16.27 -12.39
CA PHE C 48 -7.81 -16.44 -13.75
C PHE C 48 -8.44 -17.73 -14.20
N GLN C 49 -9.58 -17.62 -14.85
CA GLN C 49 -10.34 -18.80 -15.26
C GLN C 49 -10.15 -19.16 -16.70
N GLY C 50 -10.02 -20.47 -16.97
CA GLY C 50 -9.78 -20.92 -18.29
C GLY C 50 -8.43 -20.47 -18.83
N TYR C 51 -7.47 -20.21 -17.95
CA TYR C 51 -6.12 -19.82 -18.47
C TYR C 51 -5.35 -21.05 -18.90
N ASN C 52 -5.80 -22.21 -18.43
CA ASN C 52 -4.99 -23.37 -18.71
C ASN C 52 -5.45 -23.87 -20.04
N LEU C 53 -4.89 -23.32 -21.09
CA LEU C 53 -5.37 -23.58 -22.46
C LEU C 53 -5.05 -25.00 -22.87
N SER C 54 -5.97 -25.58 -23.64
CA SER C 54 -5.82 -27.02 -23.95
C SER C 54 -4.60 -27.24 -24.81
N ALA C 55 -3.75 -28.12 -24.33
CA ALA C 55 -2.56 -28.50 -25.10
C ALA C 55 -2.99 -29.18 -26.39
N ASN C 56 -4.25 -29.62 -26.48
CA ASN C 56 -4.68 -30.32 -27.67
C ASN C 56 -5.20 -29.36 -28.71
N LYS C 57 -5.18 -28.05 -28.39
CA LYS C 57 -5.73 -26.96 -29.23
C LYS C 57 -4.54 -26.12 -29.71
N GLN C 58 -4.70 -25.36 -30.80
CA GLN C 58 -3.66 -24.43 -31.24
C GLN C 58 -4.18 -23.03 -31.37
N PHE C 59 -3.30 -22.06 -31.05
CA PHE C 59 -3.64 -20.69 -30.95
C PHE C 59 -2.80 -19.92 -31.86
N LEU C 60 -3.44 -18.97 -32.54
CA LEU C 60 -2.73 -18.23 -33.58
C LEU C 60 -1.79 -17.15 -33.04
N LEU C 61 -0.53 -17.21 -33.48
CA LEU C 61 0.45 -16.14 -33.19
C LEU C 61 0.68 -15.31 -34.45
N THR C 62 0.65 -13.99 -34.31
CA THR C 62 0.74 -13.11 -35.47
C THR C 62 1.71 -12.01 -35.24
N ASN C 63 2.52 -11.77 -36.24
CA ASN C 63 3.30 -10.53 -36.33
C ASN C 63 2.39 -9.47 -37.00
N ASN C 64 1.95 -8.43 -36.27
CA ASN C 64 1.08 -7.47 -36.93
C ASN C 64 1.75 -6.20 -37.22
N GLY C 65 3.10 -6.20 -37.24
CA GLY C 65 3.76 -5.01 -37.63
C GLY C 65 4.16 -4.06 -36.51
N HIS C 66 3.54 -4.23 -35.33
CA HIS C 66 3.72 -3.36 -34.18
C HIS C 66 4.17 -4.21 -32.98
N SER C 67 3.76 -5.49 -32.95
CA SER C 67 4.09 -6.37 -31.82
C SER C 67 3.95 -7.81 -32.34
N VAL C 68 4.25 -8.74 -31.45
CA VAL C 68 3.80 -10.08 -31.68
C VAL C 68 2.60 -10.43 -30.84
N LYS C 69 1.53 -10.94 -31.47
CA LYS C 69 0.36 -11.24 -30.65
C LYS C 69 -0.12 -12.69 -30.71
N LEU C 70 -0.65 -13.20 -29.59
CA LEU C 70 -1.23 -14.53 -29.50
C LEU C 70 -2.71 -14.40 -29.33
N ASN C 71 -3.49 -15.01 -30.22
CA ASN C 71 -4.93 -15.01 -30.04
C ASN C 71 -5.33 -15.87 -28.87
N LEU C 72 -6.27 -15.39 -28.08
CA LEU C 72 -6.74 -16.13 -26.93
C LEU C 72 -8.26 -16.36 -27.06
N PRO C 73 -8.72 -17.46 -26.49
CA PRO C 73 -10.13 -17.81 -26.64
C PRO C 73 -10.98 -17.08 -25.61
N SER C 74 -12.22 -16.72 -25.99
CA SER C 74 -13.09 -15.94 -25.12
C SER C 74 -13.61 -16.71 -23.93
N ASP C 75 -13.43 -18.04 -23.89
CA ASP C 75 -13.68 -18.77 -22.63
C ASP C 75 -12.69 -18.50 -21.49
N MET C 76 -11.59 -17.83 -21.77
CA MET C 76 -10.61 -17.49 -20.81
C MET C 76 -10.99 -16.10 -20.26
N HIS C 77 -11.02 -15.95 -18.96
CA HIS C 77 -11.54 -14.70 -18.39
C HIS C 77 -11.06 -14.38 -17.03
N ILE C 78 -11.28 -13.13 -16.67
CA ILE C 78 -10.90 -12.62 -15.40
C ILE C 78 -12.17 -12.54 -14.60
N GLN C 79 -12.14 -13.15 -13.42
CA GLN C 79 -13.25 -13.14 -12.46
C GLN C 79 -12.76 -12.30 -11.29
N GLY C 80 -13.66 -11.50 -10.75
CA GLY C 80 -13.40 -10.70 -9.54
C GLY C 80 -13.59 -9.21 -9.73
N LEU C 81 -13.73 -8.78 -11.00
CA LEU C 81 -14.14 -7.42 -11.33
C LEU C 81 -15.69 -7.37 -11.30
N GLN C 82 -16.30 -6.17 -11.40
CA GLN C 82 -17.80 -6.06 -11.36
C GLN C 82 -18.44 -6.89 -12.48
N SER C 83 -17.76 -6.92 -13.62
CA SER C 83 -18.17 -7.66 -14.77
C SER C 83 -17.14 -8.72 -15.06
N ARG C 84 -17.52 -9.69 -15.87
CA ARG C 84 -16.54 -10.61 -16.44
C ARG C 84 -15.84 -9.92 -17.58
N TYR C 85 -14.50 -10.07 -17.62
CA TYR C 85 -13.69 -9.66 -18.74
C TYR C 85 -13.11 -10.86 -19.38
N SER C 86 -13.39 -11.00 -20.66
CA SER C 86 -12.92 -12.17 -21.40
C SER C 86 -11.72 -11.85 -22.25
N ALA C 87 -10.75 -12.80 -22.28
CA ALA C 87 -9.49 -12.59 -23.02
C ALA C 87 -9.73 -12.48 -24.52
N THR C 88 -8.92 -11.65 -25.18
CA THR C 88 -8.95 -11.58 -26.61
C THR C 88 -7.54 -11.89 -27.20
N GLN C 89 -6.45 -11.40 -26.57
CA GLN C 89 -5.10 -11.62 -27.08
C GLN C 89 -4.09 -11.19 -26.02
N LEU C 90 -2.86 -11.69 -26.17
CA LEU C 90 -1.71 -11.11 -25.45
C LEU C 90 -0.62 -10.70 -26.42
N HIS C 91 0.25 -9.78 -25.97
CA HIS C 91 1.36 -9.37 -26.81
C HIS C 91 2.38 -8.72 -25.92
N LEU C 92 3.48 -8.27 -26.52
CA LEU C 92 4.61 -7.84 -25.74
C LEU C 92 5.14 -6.48 -26.22
N HIS C 93 5.88 -5.85 -25.37
CA HIS C 93 6.57 -4.64 -25.78
C HIS C 93 7.99 -4.77 -25.30
N TRP C 94 8.97 -4.29 -26.08
CA TRP C 94 10.37 -4.42 -25.67
C TRP C 94 11.28 -3.33 -26.19
N GLY C 95 12.54 -3.39 -25.79
CA GLY C 95 13.47 -2.38 -26.24
C GLY C 95 14.36 -2.83 -27.38
N ASN C 96 15.67 -2.74 -27.13
CA ASN C 96 16.59 -3.19 -28.18
C ASN C 96 17.89 -3.59 -27.57
N PRO C 97 18.75 -4.27 -28.34
CA PRO C 97 19.92 -4.85 -27.65
C PRO C 97 20.93 -3.82 -27.06
N ASN C 98 20.87 -2.60 -27.54
CA ASN C 98 21.72 -1.49 -27.06
C ASN C 98 21.13 -0.71 -25.91
N ASP C 99 19.87 -0.99 -25.59
CA ASP C 99 19.25 -0.37 -24.41
C ASP C 99 18.02 -1.25 -24.13
N PRO C 100 18.25 -2.42 -23.49
CA PRO C 100 17.26 -3.49 -23.30
C PRO C 100 16.31 -3.19 -22.14
N HIS C 101 15.60 -2.05 -22.27
CA HIS C 101 14.74 -1.58 -21.19
C HIS C 101 13.51 -1.06 -21.85
N GLY C 102 12.63 -1.97 -22.34
CA GLY C 102 11.47 -1.56 -23.13
C GLY C 102 10.11 -1.87 -22.50
N SER C 103 10.03 -1.99 -21.18
CA SER C 103 8.69 -2.05 -20.58
C SER C 103 7.96 -0.72 -20.84
N GLU C 104 6.65 -0.74 -20.65
CA GLU C 104 5.92 0.47 -20.85
C GLU C 104 5.71 1.14 -19.55
N HIS C 105 5.18 0.41 -18.56
CA HIS C 105 5.10 0.94 -17.20
C HIS C 105 6.49 0.96 -16.63
N THR C 106 6.75 1.96 -15.81
CA THR C 106 8.05 2.03 -15.09
C THR C 106 7.70 2.04 -13.61
N VAL C 107 8.67 1.69 -12.77
CA VAL C 107 8.46 1.69 -11.31
C VAL C 107 9.54 2.54 -10.71
N SER C 108 9.15 3.57 -9.96
CA SER C 108 10.12 4.54 -9.44
C SER C 108 11.16 4.97 -10.49
N GLY C 109 10.71 5.31 -11.70
CA GLY C 109 11.53 5.80 -12.84
C GLY C 109 12.25 4.75 -13.72
N GLN C 110 12.18 3.51 -13.30
CA GLN C 110 12.95 2.41 -13.90
C GLN C 110 12.21 1.55 -14.92
N HIS C 111 12.80 1.33 -16.10
CA HIS C 111 12.12 0.44 -17.05
C HIS C 111 12.60 -0.89 -16.79
N PHE C 112 11.70 -1.86 -16.85
CA PHE C 112 12.08 -3.23 -16.93
C PHE C 112 12.44 -3.55 -18.35
N ALA C 113 12.96 -4.77 -18.57
CA ALA C 113 13.40 -5.16 -19.90
C ALA C 113 12.28 -5.15 -20.94
N ALA C 114 11.12 -5.65 -20.54
CA ALA C 114 10.02 -5.84 -21.50
C ALA C 114 8.70 -5.92 -20.66
N GLU C 115 7.60 -6.06 -21.36
CA GLU C 115 6.30 -6.10 -20.73
C GLU C 115 5.33 -6.94 -21.54
N LEU C 116 4.57 -7.81 -20.83
CA LEU C 116 3.51 -8.66 -21.39
C LEU C 116 2.16 -7.99 -21.03
N HIS C 117 1.28 -7.94 -22.06
CA HIS C 117 -0.09 -7.39 -21.93
C HIS C 117 -1.05 -8.52 -22.25
N ILE C 118 -1.98 -8.78 -21.38
CA ILE C 118 -3.05 -9.81 -21.72
C ILE C 118 -4.33 -9.00 -21.72
N VAL C 119 -4.88 -8.84 -22.93
CA VAL C 119 -5.99 -7.93 -23.16
C VAL C 119 -7.33 -8.68 -23.00
N HIS C 120 -8.26 -8.07 -22.27
CA HIS C 120 -9.60 -8.68 -22.05
C HIS C 120 -10.63 -7.61 -22.27
N TYR C 121 -11.87 -8.03 -22.58
CA TYR C 121 -12.96 -7.10 -22.94
C TYR C 121 -14.16 -7.48 -22.04
N ASN C 122 -15.00 -6.48 -21.76
CA ASN C 122 -16.07 -6.66 -20.82
C ASN C 122 -17.14 -7.41 -21.62
N SER C 123 -17.23 -8.72 -21.38
CA SER C 123 -18.10 -9.53 -22.22
C SER C 123 -19.51 -9.61 -21.65
N ASP C 124 -19.70 -9.15 -20.42
CA ASP C 124 -21.05 -8.94 -19.86
C ASP C 124 -21.72 -7.79 -20.58
N LEU C 125 -20.97 -6.73 -20.87
CA LEU C 125 -21.60 -5.53 -21.48
C LEU C 125 -21.53 -5.55 -23.01
N TYR C 126 -20.52 -6.24 -23.58
CA TYR C 126 -20.23 -6.14 -25.01
C TYR C 126 -20.02 -7.48 -25.67
N PRO C 127 -20.40 -7.59 -26.97
CA PRO C 127 -20.35 -8.84 -27.72
C PRO C 127 -18.95 -9.24 -28.17
N ASP C 128 -18.01 -8.31 -28.22
CA ASP C 128 -16.64 -8.64 -28.64
C ASP C 128 -15.70 -7.48 -28.30
N ALA C 129 -14.41 -7.71 -28.46
CA ALA C 129 -13.44 -6.67 -28.06
C ALA C 129 -13.43 -5.35 -28.92
N SER C 130 -13.59 -5.42 -30.24
CA SER C 130 -13.69 -4.17 -31.09
C SER C 130 -14.77 -3.25 -30.51
N THR C 131 -15.93 -3.84 -30.23
CA THR C 131 -17.04 -3.07 -29.69
C THR C 131 -16.77 -2.47 -28.29
N ALA C 132 -16.15 -3.25 -27.39
CA ALA C 132 -15.85 -2.80 -26.03
C ALA C 132 -14.84 -1.64 -26.00
N SER C 133 -14.02 -1.62 -27.02
CA SER C 133 -12.71 -0.93 -26.98
C SER C 133 -12.88 0.56 -26.94
N ASN C 134 -14.02 1.06 -27.42
CA ASN C 134 -14.31 2.50 -27.43
C ASN C 134 -15.36 2.80 -26.40
N LYS C 135 -15.73 1.78 -25.65
CA LYS C 135 -16.84 1.94 -24.75
C LYS C 135 -16.39 2.03 -23.32
N SER C 136 -17.26 2.61 -22.50
CA SER C 136 -16.93 2.78 -21.10
C SER C 136 -16.60 1.43 -20.48
N GLU C 137 -15.55 1.44 -19.66
CA GLU C 137 -15.05 0.27 -18.92
C GLU C 137 -14.90 -0.97 -19.79
N GLY C 138 -14.69 -0.75 -21.09
CA GLY C 138 -14.76 -1.83 -22.04
C GLY C 138 -13.60 -2.82 -21.96
N LEU C 139 -12.45 -2.39 -21.44
CA LEU C 139 -11.29 -3.27 -21.54
C LEU C 139 -10.60 -3.41 -20.20
N ALA C 140 -9.93 -4.54 -19.98
CA ALA C 140 -9.10 -4.74 -18.78
C ALA C 140 -7.83 -5.42 -19.29
N VAL C 141 -6.67 -4.85 -19.01
CA VAL C 141 -5.48 -5.45 -19.50
C VAL C 141 -4.68 -5.82 -18.26
N LEU C 142 -4.08 -6.98 -18.25
CA LEU C 142 -3.14 -7.32 -17.18
C LEU C 142 -1.73 -7.10 -17.69
N ALA C 143 -0.86 -6.46 -16.90
CA ALA C 143 0.54 -6.17 -17.27
C ALA C 143 1.50 -6.96 -16.40
N VAL C 144 2.41 -7.67 -17.03
CA VAL C 144 3.54 -8.33 -16.37
C VAL C 144 4.82 -7.67 -16.79
N LEU C 145 5.52 -7.14 -15.79
CA LEU C 145 6.87 -6.58 -15.96
C LEU C 145 7.90 -7.70 -16.08
N ILE C 146 8.79 -7.59 -17.06
CA ILE C 146 9.72 -8.70 -17.40
C ILE C 146 11.14 -8.20 -17.20
N GLU C 147 11.94 -8.94 -16.43
CA GLU C 147 13.36 -8.56 -16.28
C GLU C 147 14.25 -9.69 -16.79
N MET C 148 15.50 -9.36 -17.07
CA MET C 148 16.43 -10.35 -17.57
C MET C 148 16.82 -11.13 -16.32
N GLY C 149 16.82 -12.44 -16.47
CA GLY C 149 17.17 -13.32 -15.35
C GLY C 149 17.18 -14.75 -15.84
N SER C 150 16.49 -15.60 -15.09
N SER C 150 16.47 -15.60 -15.08
CA SER C 150 16.52 -17.01 -15.40
CA SER C 150 16.38 -17.00 -15.41
C SER C 150 15.64 -17.34 -16.62
C SER C 150 15.67 -17.25 -16.74
N PHE C 151 16.10 -18.29 -17.45
CA PHE C 151 15.31 -18.84 -18.59
C PHE C 151 13.90 -19.13 -18.14
N ASN C 152 12.91 -18.84 -19.00
CA ASN C 152 11.54 -19.04 -18.60
C ASN C 152 10.91 -19.98 -19.61
N PRO C 153 10.63 -21.25 -19.23
CA PRO C 153 10.08 -22.25 -20.14
C PRO C 153 8.73 -21.84 -20.71
N SER C 154 7.94 -21.14 -19.90
CA SER C 154 6.61 -20.73 -20.29
C SER C 154 6.59 -19.64 -21.34
N TYR C 155 7.41 -18.60 -21.16
CA TYR C 155 7.54 -17.60 -22.21
C TYR C 155 8.18 -18.26 -23.45
N ASP C 156 9.04 -19.28 -23.26
CA ASP C 156 9.55 -19.94 -24.45
C ASP C 156 8.52 -20.63 -25.31
N LYS C 157 7.37 -20.95 -24.72
N LYS C 157 7.40 -21.01 -24.71
CA LYS C 157 6.21 -21.49 -25.48
CA LYS C 157 6.29 -21.53 -25.53
C LYS C 157 5.70 -20.50 -26.57
C LYS C 157 5.90 -20.52 -26.65
N ILE C 158 5.95 -19.22 -26.36
CA ILE C 158 5.77 -18.19 -27.40
C ILE C 158 7.05 -17.97 -28.22
N PHE C 159 8.14 -17.72 -27.49
CA PHE C 159 9.35 -17.20 -28.12
C PHE C 159 9.95 -18.19 -29.08
N SER C 160 9.73 -19.47 -28.82
CA SER C 160 10.26 -20.49 -29.77
C SER C 160 9.64 -20.45 -31.20
N HIS C 161 8.55 -19.70 -31.35
CA HIS C 161 7.92 -19.49 -32.66
C HIS C 161 8.33 -18.24 -33.39
N LEU C 162 9.16 -17.41 -32.75
CA LEU C 162 9.44 -16.07 -33.29
C LEU C 162 10.09 -16.09 -34.68
N GLN C 163 11.00 -17.05 -34.89
CA GLN C 163 11.68 -17.17 -36.19
C GLN C 163 10.79 -17.57 -37.36
N HIS C 164 9.54 -17.92 -37.03
CA HIS C 164 8.53 -18.24 -38.00
C HIS C 164 7.50 -17.19 -38.24
N VAL C 165 7.52 -16.11 -37.47
CA VAL C 165 6.67 -14.95 -37.73
C VAL C 165 7.52 -13.66 -37.89
N LYS C 166 8.69 -13.79 -38.53
CA LYS C 166 9.61 -12.68 -38.64
C LYS C 166 9.03 -11.46 -39.31
N TYR C 167 8.10 -11.65 -40.23
CA TYR C 167 7.71 -10.46 -40.98
C TYR C 167 6.27 -10.13 -40.73
N LYS C 168 5.95 -8.86 -41.00
CA LYS C 168 4.56 -8.34 -40.89
C LYS C 168 3.53 -9.22 -41.60
N GLY C 169 2.45 -9.54 -40.88
CA GLY C 169 1.38 -10.37 -41.37
C GLY C 169 1.62 -11.88 -41.27
N GLN C 170 2.83 -12.32 -40.92
CA GLN C 170 3.05 -13.76 -40.78
C GLN C 170 2.44 -14.32 -39.51
N GLU C 171 2.08 -15.62 -39.56
CA GLU C 171 1.29 -16.31 -38.53
C GLU C 171 1.88 -17.68 -38.26
N ALA C 172 1.77 -18.16 -37.01
CA ALA C 172 2.22 -19.48 -36.60
C ALA C 172 1.23 -20.02 -35.60
N PHE C 173 1.12 -21.34 -35.46
CA PHE C 173 0.29 -21.90 -34.42
C PHE C 173 1.08 -22.25 -33.20
N VAL C 174 0.47 -21.96 -32.06
CA VAL C 174 1.09 -22.27 -30.75
C VAL C 174 0.15 -23.24 -29.98
N PRO C 175 0.66 -24.45 -29.55
CA PRO C 175 -0.20 -25.34 -28.77
C PRO C 175 -0.62 -24.66 -27.46
N GLY C 176 -1.82 -24.92 -26.94
CA GLY C 176 -2.21 -24.33 -25.71
C GLY C 176 -1.27 -24.70 -24.57
N PHE C 177 -1.06 -23.74 -23.69
CA PHE C 177 -0.41 -23.98 -22.42
C PHE C 177 -1.06 -23.11 -21.36
N ASN C 178 -0.62 -23.29 -20.13
CA ASN C 178 -1.20 -22.58 -19.03
C ASN C 178 -0.69 -21.14 -19.00
N ILE C 179 -1.56 -20.22 -19.38
CA ILE C 179 -1.22 -18.77 -19.40
C ILE C 179 -0.92 -18.19 -18.05
N GLU C 180 -1.38 -18.79 -16.96
CA GLU C 180 -0.99 -18.33 -15.62
C GLU C 180 0.46 -18.49 -15.36
N GLU C 181 1.11 -19.41 -16.07
CA GLU C 181 2.56 -19.58 -16.00
C GLU C 181 3.32 -18.33 -16.47
N LEU C 182 2.66 -17.41 -17.19
CA LEU C 182 3.35 -16.19 -17.60
C LEU C 182 3.22 -15.09 -16.58
N LEU C 183 2.41 -15.31 -15.55
CA LEU C 183 2.20 -14.32 -14.47
C LEU C 183 3.25 -14.54 -13.42
N PRO C 184 3.57 -13.49 -12.60
CA PRO C 184 4.55 -13.58 -11.56
C PRO C 184 3.98 -14.19 -10.27
N GLU C 185 4.89 -14.33 -9.32
CA GLU C 185 4.55 -14.72 -7.96
C GLU C 185 3.73 -13.62 -7.32
N ARG C 186 2.86 -14.03 -6.40
CA ARG C 186 2.03 -13.12 -5.65
C ARG C 186 1.23 -12.19 -6.57
N THR C 187 0.41 -12.82 -7.41
CA THR C 187 -0.47 -12.06 -8.27
C THR C 187 -1.47 -11.28 -7.46
N ALA C 188 -1.75 -11.70 -6.22
CA ALA C 188 -2.58 -10.88 -5.32
C ALA C 188 -2.05 -9.45 -5.12
N GLU C 189 -0.77 -9.23 -5.39
CA GLU C 189 -0.11 -7.93 -5.21
C GLU C 189 -0.03 -7.20 -6.54
N TYR C 190 -0.82 -6.14 -6.68
CA TYR C 190 -0.83 -5.45 -7.97
C TYR C 190 -1.18 -3.97 -7.79
N TYR C 191 -0.89 -3.26 -8.88
CA TYR C 191 -1.31 -1.88 -8.98
C TYR C 191 -2.51 -1.86 -9.88
N ARG C 192 -3.39 -0.92 -9.63
CA ARG C 192 -4.66 -0.85 -10.33
C ARG C 192 -4.91 0.64 -10.70
N TYR C 193 -5.18 0.97 -11.97
CA TYR C 193 -5.56 2.37 -12.28
C TYR C 193 -6.36 2.43 -13.58
N ARG C 194 -7.02 3.56 -13.80
CA ARG C 194 -7.80 3.77 -14.98
C ARG C 194 -6.93 4.41 -16.08
N GLY C 195 -6.82 3.76 -17.23
CA GLY C 195 -6.00 4.33 -18.31
C GLY C 195 -6.50 3.99 -19.72
N SER C 196 -5.56 3.75 -20.62
CA SER C 196 -5.88 3.77 -22.03
C SER C 196 -5.13 2.63 -22.71
N LEU C 197 -5.50 2.36 -23.93
CA LEU C 197 -4.59 1.63 -24.85
C LEU C 197 -3.27 2.36 -24.92
N THR C 198 -2.17 1.62 -24.98
CA THR C 198 -0.85 2.28 -25.11
C THR C 198 -0.43 2.41 -26.54
N THR C 199 -1.28 1.93 -27.45
CA THR C 199 -1.06 2.19 -28.87
C THR C 199 -2.28 2.89 -29.40
N PRO C 200 -2.12 3.55 -30.59
CA PRO C 200 -3.31 4.02 -31.27
C PRO C 200 -4.33 2.88 -31.40
N PRO C 201 -5.64 3.19 -31.26
CA PRO C 201 -6.19 4.56 -31.17
C PRO C 201 -6.12 5.16 -29.77
N CYS C 202 -5.45 4.49 -28.81
CA CYS C 202 -5.30 5.03 -27.43
C CYS C 202 -6.58 5.30 -26.65
N ASN C 203 -7.63 4.54 -26.90
N ASN C 203 -7.64 4.53 -26.92
CA ASN C 203 -8.87 4.78 -26.22
CA ASN C 203 -8.92 4.71 -26.25
C ASN C 203 -8.69 4.71 -24.68
C ASN C 203 -8.74 4.67 -24.69
N PRO C 204 -9.29 5.66 -23.95
CA PRO C 204 -9.18 5.74 -22.48
C PRO C 204 -10.20 4.79 -21.83
N THR C 205 -10.16 3.55 -22.26
CA THR C 205 -11.19 2.57 -21.89
C THR C 205 -10.62 1.36 -21.14
N VAL C 206 -9.44 1.53 -20.56
CA VAL C 206 -8.74 0.36 -19.95
C VAL C 206 -8.62 0.46 -18.46
N LEU C 207 -9.05 -0.58 -17.81
CA LEU C 207 -8.80 -0.76 -16.41
C LEU C 207 -7.49 -1.58 -16.38
N TRP C 208 -6.42 -0.93 -15.92
CA TRP C 208 -5.11 -1.57 -15.87
C TRP C 208 -4.90 -2.35 -14.56
N THR C 209 -4.29 -3.53 -14.69
CA THR C 209 -3.73 -4.25 -13.49
C THR C 209 -2.29 -4.64 -13.79
N VAL C 210 -1.37 -4.00 -13.11
CA VAL C 210 0.04 -4.26 -13.32
C VAL C 210 0.55 -5.03 -12.10
N PHE C 211 1.02 -6.25 -12.31
CA PHE C 211 1.50 -7.02 -11.10
C PHE C 211 2.72 -6.41 -10.48
N ARG C 212 2.75 -6.47 -9.13
CA ARG C 212 3.84 -5.82 -8.44
C ARG C 212 5.21 -6.49 -8.74
N ASN C 213 5.19 -7.80 -8.88
CA ASN C 213 6.43 -8.59 -9.06
C ASN C 213 6.69 -8.85 -10.52
N PRO C 214 7.95 -8.69 -10.97
CA PRO C 214 8.29 -9.08 -12.36
C PRO C 214 8.48 -10.57 -12.56
N VAL C 215 8.55 -11.01 -13.80
CA VAL C 215 8.93 -12.37 -14.07
C VAL C 215 10.28 -12.20 -14.74
N GLN C 216 11.01 -13.29 -14.90
CA GLN C 216 12.29 -13.28 -15.53
C GLN C 216 12.28 -14.07 -16.81
N ILE C 217 13.00 -13.58 -17.79
CA ILE C 217 13.35 -14.37 -19.00
C ILE C 217 14.88 -14.23 -19.15
N SER C 218 15.52 -15.14 -19.87
CA SER C 218 17.01 -15.10 -19.93
C SER C 218 17.51 -14.02 -20.88
N GLN C 219 18.79 -13.59 -20.75
CA GLN C 219 19.34 -12.72 -21.86
C GLN C 219 19.11 -13.36 -23.23
N GLU C 220 19.24 -14.67 -23.39
CA GLU C 220 19.01 -15.21 -24.74
C GLU C 220 17.56 -15.01 -25.24
N GLN C 221 16.63 -15.23 -24.33
CA GLN C 221 15.23 -15.06 -24.64
C GLN C 221 14.97 -13.61 -25.00
N LEU C 222 15.48 -12.70 -24.18
CA LEU C 222 15.24 -11.31 -24.45
C LEU C 222 15.87 -10.92 -25.80
N LEU C 223 17.10 -11.38 -26.08
CA LEU C 223 17.76 -10.97 -27.33
C LEU C 223 16.97 -11.53 -28.50
N ALA C 224 16.43 -12.74 -28.34
CA ALA C 224 15.60 -13.32 -29.43
C ALA C 224 14.38 -12.42 -29.70
N LEU C 225 13.73 -12.01 -28.62
CA LEU C 225 12.60 -11.12 -28.74
C LEU C 225 12.99 -9.79 -29.44
N GLU C 226 14.16 -9.24 -29.11
CA GLU C 226 14.54 -7.91 -29.58
C GLU C 226 15.02 -7.99 -31.06
N THR C 227 15.34 -9.19 -31.58
CA THR C 227 16.06 -9.34 -32.87
C THR C 227 15.38 -10.22 -33.88
N ALA C 228 14.36 -10.95 -33.47
CA ALA C 228 13.71 -11.90 -34.35
C ALA C 228 12.80 -11.19 -35.39
N LEU C 229 12.17 -10.08 -34.99
CA LEU C 229 11.01 -9.58 -35.75
C LEU C 229 11.23 -8.27 -36.49
N TYR C 230 10.54 -8.17 -37.62
CA TYR C 230 10.51 -6.97 -38.49
C TYR C 230 9.13 -6.37 -38.57
N CYS C 231 9.09 -5.04 -38.74
CA CYS C 231 7.86 -4.28 -38.91
C CYS C 231 7.39 -4.35 -40.38
N THR C 232 8.31 -4.75 -41.25
CA THR C 232 8.02 -4.74 -42.70
C THR C 232 7.63 -6.13 -43.24
N HIS C 233 7.03 -6.16 -44.44
CA HIS C 233 6.66 -7.42 -45.07
C HIS C 233 7.86 -8.11 -45.61
N MET C 234 7.72 -9.40 -45.88
CA MET C 234 8.78 -10.23 -46.43
C MET C 234 9.31 -9.75 -47.79
N ASP C 235 8.46 -9.11 -48.57
CA ASP C 235 8.82 -8.58 -49.93
C ASP C 235 9.54 -7.23 -49.93
N ASP C 236 9.72 -6.63 -48.75
CA ASP C 236 10.32 -5.31 -48.67
C ASP C 236 11.84 -5.44 -48.74
N PRO C 237 12.49 -4.86 -49.80
CA PRO C 237 13.96 -5.03 -49.85
C PRO C 237 14.73 -4.20 -48.78
N SER C 238 13.98 -3.36 -48.04
CA SER C 238 14.53 -2.48 -46.98
C SER C 238 13.86 -2.80 -45.63
N PRO C 239 14.20 -3.93 -45.02
CA PRO C 239 13.49 -4.39 -43.83
C PRO C 239 13.71 -3.45 -42.65
N ARG C 240 12.74 -3.34 -41.75
CA ARG C 240 12.80 -2.40 -40.62
C ARG C 240 12.66 -3.25 -39.35
N GLU C 241 13.63 -3.22 -38.47
CA GLU C 241 13.55 -4.04 -37.23
C GLU C 241 12.41 -3.62 -36.31
N MET C 242 11.75 -4.62 -35.68
CA MET C 242 10.74 -4.28 -34.65
C MET C 242 11.43 -4.21 -33.28
N ILE C 243 11.74 -2.98 -32.89
CA ILE C 243 12.43 -2.72 -31.58
C ILE C 243 11.75 -1.51 -30.98
N ASN C 244 12.00 -1.28 -29.70
CA ASN C 244 11.56 -0.11 -28.97
C ASN C 244 10.07 0.15 -29.20
N ASN C 245 9.27 -0.92 -29.18
CA ASN C 245 7.82 -0.76 -29.42
C ASN C 245 7.13 -0.55 -28.06
N PHE C 246 7.50 0.52 -27.35
CA PHE C 246 6.89 0.85 -26.06
C PHE C 246 6.63 2.36 -26.16
N ARG C 247 5.53 2.80 -25.53
CA ARG C 247 5.26 4.22 -25.43
C ARG C 247 5.93 4.78 -24.14
N GLN C 248 6.37 6.04 -24.17
CA GLN C 248 6.86 6.72 -23.00
C GLN C 248 5.73 6.85 -21.99
N VAL C 249 6.12 7.03 -20.75
CA VAL C 249 5.09 7.25 -19.69
C VAL C 249 4.42 8.62 -19.86
N GLN C 250 3.21 8.71 -19.32
CA GLN C 250 2.34 9.83 -19.57
C GLN C 250 2.14 10.64 -18.32
N LYS C 251 1.70 11.88 -18.44
CA LYS C 251 1.34 12.67 -17.24
C LYS C 251 0.24 11.94 -16.47
N PHE C 252 0.15 12.21 -15.15
N PHE C 252 0.34 11.93 -15.14
CA PHE C 252 -0.86 11.51 -14.35
CA PHE C 252 -0.66 11.21 -14.39
C PHE C 252 -2.28 12.08 -14.40
C PHE C 252 -1.10 12.40 -13.65
N ASP C 253 -2.36 13.36 -14.73
N ASP C 253 -1.80 13.24 -14.42
CA ASP C 253 -3.61 14.07 -14.72
CA ASP C 253 -2.52 14.42 -14.03
C ASP C 253 -4.36 13.91 -13.37
C ASP C 253 -3.91 14.05 -13.44
N GLU C 254 -3.79 14.19 -12.16
CA GLU C 254 -4.66 14.02 -10.98
C GLU C 254 -5.01 12.56 -10.57
N ARG C 255 -4.76 11.54 -11.41
CA ARG C 255 -5.07 10.16 -11.01
C ARG C 255 -4.21 9.67 -9.77
N LEU C 256 -4.73 8.66 -9.07
CA LEU C 256 -3.89 7.93 -8.12
C LEU C 256 -3.84 6.54 -8.67
N VAL C 257 -2.84 5.79 -8.21
CA VAL C 257 -2.77 4.37 -8.53
C VAL C 257 -3.05 3.69 -7.21
N TYR C 258 -3.97 2.73 -7.23
CA TYR C 258 -4.34 2.03 -5.98
C TYR C 258 -3.56 0.75 -5.99
N THR C 259 -3.13 0.35 -4.81
CA THR C 259 -2.35 -0.84 -4.62
C THR C 259 -3.03 -1.87 -3.71
N SER C 260 -2.84 -3.12 -3.98
CA SER C 260 -3.43 -4.17 -3.13
C SER C 260 -2.42 -4.60 -2.04
N PHE C 261 -1.25 -3.96 -2.05
CA PHE C 261 -0.17 -4.19 -1.10
C PHE C 261 0.14 -2.83 -0.51
N SER C 262 0.85 -2.80 0.62
N SER C 262 0.70 -2.78 0.69
CA SER C 262 1.13 -1.57 1.35
CA SER C 262 1.11 -1.49 1.22
C SER C 262 2.61 -1.31 1.37
C SER C 262 2.61 -1.49 1.20
N GLN C 263 3.08 -0.56 0.38
CA GLN C 263 4.48 -0.32 0.18
C GLN C 263 5.06 0.38 1.42
N LYS D 3 -1.91 28.71 -28.50
CA LYS D 3 -2.14 28.10 -27.15
C LYS D 3 -1.62 26.66 -27.10
N TRP D 4 -0.90 26.39 -26.04
CA TRP D 4 -0.51 25.03 -25.71
C TRP D 4 -0.41 25.03 -24.23
N THR D 5 -0.44 23.83 -23.60
CA THR D 5 -0.51 23.68 -22.14
C THR D 5 0.24 22.42 -21.80
N TYR D 6 0.34 22.12 -20.49
CA TYR D 6 0.87 20.85 -20.07
C TYR D 6 -0.18 19.89 -19.60
N PHE D 7 -1.44 20.20 -19.85
CA PHE D 7 -2.58 19.41 -19.35
C PHE D 7 -3.76 19.41 -20.31
N GLY D 8 -4.42 18.25 -20.41
CA GLY D 8 -5.67 18.13 -21.16
C GLY D 8 -5.42 18.11 -22.67
N PRO D 9 -6.44 18.52 -23.47
CA PRO D 9 -6.39 18.27 -24.92
C PRO D 9 -5.37 19.08 -25.65
N ASP D 10 -4.90 20.19 -25.08
CA ASP D 10 -3.82 20.96 -25.69
C ASP D 10 -2.44 20.65 -25.11
N GLY D 11 -2.37 19.53 -24.39
CA GLY D 11 -1.16 19.13 -23.62
C GLY D 11 -0.10 18.57 -24.57
N GLU D 12 0.95 18.01 -23.97
CA GLU D 12 2.18 17.83 -24.74
C GLU D 12 2.02 16.83 -25.86
N ASN D 13 1.08 15.89 -25.76
CA ASN D 13 0.94 14.89 -26.90
C ASN D 13 0.34 15.51 -28.12
N SER D 14 -0.22 16.69 -27.95
CA SER D 14 -0.92 17.45 -29.01
C SER D 14 -0.08 18.61 -29.59
N TRP D 15 1.08 18.90 -29.01
CA TRP D 15 1.89 20.08 -29.42
C TRP D 15 2.21 19.96 -30.87
N SER D 16 2.43 18.72 -31.34
CA SER D 16 2.83 18.49 -32.74
C SER D 16 1.81 18.91 -33.80
N LYS D 17 0.55 19.11 -33.39
CA LYS D 17 -0.51 19.48 -34.31
C LYS D 17 -0.20 20.82 -34.89
N LYS D 18 0.24 21.75 -34.02
CA LYS D 18 0.45 23.14 -34.38
C LYS D 18 1.94 23.45 -34.50
N TYR D 19 2.76 22.66 -33.82
CA TYR D 19 4.19 22.81 -33.81
C TYR D 19 4.84 21.52 -34.24
N PRO D 20 5.10 21.35 -35.57
CA PRO D 20 5.54 20.04 -36.05
C PRO D 20 6.85 19.58 -35.43
N SER D 21 7.75 20.47 -35.06
CA SER D 21 9.01 20.01 -34.50
C SER D 21 8.83 19.28 -33.17
N CYS D 22 7.70 19.48 -32.47
CA CYS D 22 7.47 18.74 -31.22
C CYS D 22 7.33 17.25 -31.48
N GLY D 23 7.05 16.86 -32.75
CA GLY D 23 7.05 15.45 -33.16
C GLY D 23 8.26 15.13 -34.06
N GLY D 24 9.28 15.97 -34.04
CA GLY D 24 10.42 15.78 -34.92
C GLY D 24 11.59 15.17 -34.19
N LEU D 25 12.77 15.47 -34.73
CA LEU D 25 14.00 14.92 -34.28
C LEU D 25 14.51 15.60 -33.02
N LEU D 26 15.46 14.92 -32.33
CA LEU D 26 16.34 15.55 -31.32
C LEU D 26 15.58 16.17 -30.15
N GLN D 27 14.45 15.58 -29.82
CA GLN D 27 13.62 16.16 -28.76
C GLN D 27 14.18 15.92 -27.34
N SER D 28 13.91 16.89 -26.45
CA SER D 28 14.37 16.95 -25.07
C SER D 28 13.08 17.12 -24.25
N PRO D 29 13.14 16.79 -22.95
CA PRO D 29 14.27 16.37 -22.15
C PRO D 29 14.45 14.85 -22.26
N ILE D 30 15.44 14.28 -21.57
CA ILE D 30 15.71 12.87 -21.69
C ILE D 30 16.08 12.35 -20.31
N ASP D 31 16.02 11.03 -20.19
CA ASP D 31 16.45 10.34 -19.00
C ASP D 31 17.93 10.07 -19.16
N LEU D 32 18.74 10.52 -18.22
CA LEU D 32 20.18 10.37 -18.31
C LEU D 32 20.53 9.06 -17.59
N HIS D 33 20.85 8.02 -18.38
CA HIS D 33 21.08 6.71 -17.81
C HIS D 33 22.18 6.02 -18.54
N SER D 34 22.78 5.05 -17.85
CA SER D 34 24.10 4.57 -18.24
C SER D 34 24.18 4.08 -19.69
N ASP D 35 23.16 3.41 -20.21
CA ASP D 35 23.25 2.82 -21.58
C ASP D 35 23.46 3.85 -22.67
N ILE D 36 23.11 5.12 -22.40
CA ILE D 36 23.22 6.17 -23.45
C ILE D 36 24.32 7.22 -23.19
N LEU D 37 25.17 7.00 -22.17
CA LEU D 37 26.22 7.95 -21.75
C LEU D 37 27.58 7.47 -22.28
N GLN D 38 28.47 8.43 -22.53
CA GLN D 38 29.83 8.10 -22.94
C GLN D 38 30.71 9.21 -22.46
N TYR D 39 31.73 8.87 -21.67
CA TYR D 39 32.72 9.87 -21.27
C TYR D 39 33.43 10.43 -22.53
N ASP D 40 33.65 11.76 -22.56
CA ASP D 40 34.26 12.41 -23.68
C ASP D 40 35.31 13.33 -23.06
N ALA D 41 36.57 12.93 -23.15
CA ALA D 41 37.65 13.62 -22.40
C ALA D 41 37.91 15.01 -23.01
N SER D 42 37.31 15.30 -24.16
CA SER D 42 37.53 16.59 -24.81
C SER D 42 36.64 17.70 -24.27
N LEU D 43 35.64 17.29 -23.50
CA LEU D 43 34.71 18.29 -22.93
C LEU D 43 35.51 19.23 -22.03
N THR D 44 35.34 20.55 -22.14
CA THR D 44 36.12 21.40 -21.20
C THR D 44 35.24 22.10 -20.11
N PRO D 45 35.82 22.62 -19.02
CA PRO D 45 34.85 23.29 -18.11
C PRO D 45 34.33 24.57 -18.78
N LEU D 46 33.07 24.92 -18.53
CA LEU D 46 32.56 26.15 -19.04
C LEU D 46 33.06 27.28 -18.15
N GLU D 47 33.14 28.47 -18.74
CA GLU D 47 33.44 29.67 -17.98
C GLU D 47 32.22 30.56 -18.10
N PHE D 48 31.79 31.10 -16.98
CA PHE D 48 30.60 31.95 -16.94
C PHE D 48 31.12 33.37 -16.81
N GLN D 49 30.74 34.21 -17.74
CA GLN D 49 31.31 35.55 -17.86
C GLN D 49 30.14 36.51 -17.80
N GLY D 50 30.28 37.56 -17.00
CA GLY D 50 29.24 38.55 -16.87
C GLY D 50 28.00 38.04 -16.09
N TYR D 51 28.13 36.91 -15.41
CA TYR D 51 27.07 36.39 -14.54
C TYR D 51 26.80 37.26 -13.31
N ASN D 52 27.78 38.10 -12.92
CA ASN D 52 27.63 38.92 -11.68
C ASN D 52 26.96 40.22 -12.09
N LEU D 53 25.65 40.12 -12.26
CA LEU D 53 24.81 41.19 -12.75
C LEU D 53 24.84 42.35 -11.72
N SER D 54 24.98 43.55 -12.26
CA SER D 54 25.14 44.72 -11.44
C SER D 54 23.89 44.86 -10.56
N ALA D 55 24.09 44.93 -9.25
CA ALA D 55 22.97 45.21 -8.36
C ALA D 55 22.30 46.58 -8.67
N ASN D 56 22.97 47.46 -9.43
CA ASN D 56 22.33 48.75 -9.81
C ASN D 56 21.44 48.70 -11.00
N LYS D 57 21.39 47.54 -11.64
CA LYS D 57 20.55 47.39 -12.81
C LYS D 57 19.36 46.47 -12.45
N GLN D 58 18.43 46.45 -13.38
CA GLN D 58 17.05 45.89 -13.28
C GLN D 58 16.83 44.85 -14.34
N PHE D 59 16.29 43.67 -13.94
CA PHE D 59 15.95 42.66 -14.92
C PHE D 59 14.50 42.23 -14.80
N LEU D 60 13.83 42.16 -15.94
CA LEU D 60 12.40 41.92 -16.03
C LEU D 60 12.06 40.46 -15.74
N LEU D 61 11.21 40.26 -14.71
CA LEU D 61 10.71 38.93 -14.38
C LEU D 61 9.28 38.92 -14.93
N THR D 62 8.95 37.84 -15.67
CA THR D 62 7.69 37.76 -16.40
C THR D 62 7.04 36.42 -16.13
N ASN D 63 5.72 36.44 -15.88
CA ASN D 63 4.96 35.19 -15.90
C ASN D 63 4.50 35.14 -17.36
N ASN D 64 4.99 34.20 -18.15
CA ASN D 64 4.57 34.10 -19.56
C ASN D 64 3.45 33.12 -19.82
N GLY D 65 2.86 32.61 -18.76
CA GLY D 65 1.75 31.68 -18.92
C GLY D 65 2.23 30.25 -18.89
N HIS D 66 3.52 30.04 -19.08
CA HIS D 66 4.03 28.67 -19.07
C HIS D 66 5.12 28.50 -17.99
N SER D 67 5.76 29.61 -17.56
CA SER D 67 6.81 29.52 -16.56
C SER D 67 7.01 30.95 -15.95
N VAL D 68 7.94 31.08 -15.05
CA VAL D 68 8.39 32.43 -14.69
C VAL D 68 9.77 32.56 -15.28
N LYS D 69 9.97 33.64 -16.04
CA LYS D 69 11.28 33.85 -16.62
C LYS D 69 11.87 35.21 -16.21
N LEU D 70 13.21 35.21 -16.09
CA LEU D 70 13.96 36.41 -15.80
C LEU D 70 14.74 36.75 -17.06
N ASN D 71 14.51 37.93 -17.63
CA ASN D 71 15.27 38.46 -18.77
C ASN D 71 16.72 38.66 -18.32
N LEU D 72 17.65 38.20 -19.17
CA LEU D 72 19.03 38.23 -18.91
C LEU D 72 19.72 39.06 -20.02
N PRO D 73 20.78 39.79 -19.67
CA PRO D 73 21.38 40.62 -20.78
C PRO D 73 22.36 39.83 -21.68
N SER D 74 22.56 40.27 -22.94
CA SER D 74 23.50 39.58 -23.86
C SER D 74 24.97 39.78 -23.52
N ASP D 75 25.30 40.63 -22.56
CA ASP D 75 26.69 40.71 -22.06
C ASP D 75 26.99 39.60 -21.04
N MET D 76 25.98 38.78 -20.73
CA MET D 76 26.27 37.58 -19.97
C MET D 76 26.56 36.50 -21.02
N HIS D 77 27.68 35.78 -20.85
CA HIS D 77 28.18 34.87 -21.91
C HIS D 77 28.66 33.61 -21.26
N ILE D 78 28.66 32.55 -22.04
CA ILE D 78 29.48 31.41 -21.67
C ILE D 78 30.59 31.16 -22.68
N GLN D 79 31.71 30.70 -22.13
CA GLN D 79 32.87 30.31 -22.95
C GLN D 79 33.18 28.84 -22.66
N GLY D 80 33.60 28.11 -23.71
CA GLY D 80 33.86 26.69 -23.61
C GLY D 80 33.11 25.86 -24.63
N LEU D 81 32.17 26.51 -25.34
CA LEU D 81 31.58 25.89 -26.51
C LEU D 81 32.28 26.31 -27.79
N GLN D 82 31.90 25.66 -28.89
CA GLN D 82 32.53 26.01 -30.16
C GLN D 82 32.28 27.45 -30.60
N SER D 83 31.05 27.97 -30.37
CA SER D 83 30.81 29.40 -30.52
C SER D 83 30.61 30.11 -29.18
N ARG D 84 30.65 31.44 -29.18
CA ARG D 84 30.26 32.12 -27.95
C ARG D 84 28.73 32.19 -27.87
N TYR D 85 28.20 31.90 -26.70
CA TYR D 85 26.75 31.97 -26.51
C TYR D 85 26.48 33.05 -25.52
N SER D 86 25.46 33.88 -25.77
CA SER D 86 25.14 35.01 -24.89
C SER D 86 23.76 34.73 -24.26
N ALA D 87 23.54 35.12 -23.01
CA ALA D 87 22.25 34.86 -22.29
C ALA D 87 21.09 35.61 -22.86
N THR D 88 19.89 35.04 -22.75
CA THR D 88 18.68 35.72 -23.14
C THR D 88 17.64 35.65 -21.98
N GLN D 89 17.55 34.53 -21.27
CA GLN D 89 16.57 34.42 -20.12
C GLN D 89 16.90 33.17 -19.29
N LEU D 90 16.41 33.12 -18.04
CA LEU D 90 16.38 31.86 -17.35
C LEU D 90 14.90 31.64 -16.92
N HIS D 91 14.51 30.42 -16.54
CA HIS D 91 13.13 30.15 -16.11
C HIS D 91 13.18 28.79 -15.49
N LEU D 92 12.09 28.32 -14.88
CA LEU D 92 12.10 27.07 -14.10
C LEU D 92 10.97 26.13 -14.55
N HIS D 93 11.08 24.87 -14.12
CA HIS D 93 10.02 23.88 -14.39
C HIS D 93 9.88 23.19 -13.07
N TRP D 94 8.65 22.82 -12.75
CA TRP D 94 8.40 22.17 -11.46
C TRP D 94 7.14 21.31 -11.46
N GLY D 95 6.90 20.60 -10.37
CA GLY D 95 5.76 19.66 -10.33
C GLY D 95 4.63 20.29 -9.52
N ASN D 96 4.21 19.58 -8.49
CA ASN D 96 3.09 20.10 -7.70
C ASN D 96 3.16 19.66 -6.24
N PRO D 97 2.37 20.29 -5.39
CA PRO D 97 2.61 19.94 -4.01
C PRO D 97 2.31 18.45 -3.68
N ASN D 98 1.40 17.83 -4.40
CA ASN D 98 1.08 16.40 -4.16
C ASN D 98 2.09 15.46 -4.80
N ASP D 99 2.97 16.01 -5.67
CA ASP D 99 4.01 15.17 -6.28
C ASP D 99 5.14 16.10 -6.71
N PRO D 100 6.03 16.44 -5.76
CA PRO D 100 6.99 17.58 -5.92
C PRO D 100 8.25 17.10 -6.65
N HIS D 101 8.04 16.60 -7.88
CA HIS D 101 9.09 16.02 -8.69
C HIS D 101 8.87 16.49 -10.13
N GLY D 102 9.27 17.71 -10.45
CA GLY D 102 8.92 18.20 -11.80
C GLY D 102 10.15 18.70 -12.55
N SER D 103 11.33 18.09 -12.33
CA SER D 103 12.45 18.43 -13.21
C SER D 103 12.05 17.89 -14.61
N GLU D 104 12.74 18.38 -15.61
CA GLU D 104 12.57 17.93 -16.99
C GLU D 104 13.48 16.75 -17.28
N HIS D 105 14.77 16.96 -17.12
CA HIS D 105 15.68 15.83 -17.12
C HIS D 105 15.52 14.97 -15.94
N THR D 106 15.73 13.69 -16.18
CA THR D 106 15.76 12.68 -15.12
C THR D 106 17.14 12.00 -15.14
N VAL D 107 17.55 11.47 -13.99
CA VAL D 107 18.86 10.78 -13.88
C VAL D 107 18.61 9.34 -13.39
N SER D 108 18.90 8.34 -14.24
CA SER D 108 18.57 6.93 -13.89
C SER D 108 17.14 6.85 -13.39
N GLY D 109 16.29 7.61 -14.07
CA GLY D 109 14.87 7.54 -13.85
C GLY D 109 14.36 8.46 -12.77
N GLN D 110 15.21 9.13 -12.03
N GLN D 110 15.29 9.05 -11.98
CA GLN D 110 14.65 9.88 -10.93
CA GLN D 110 14.96 9.98 -10.85
C GLN D 110 14.43 11.34 -11.34
C GLN D 110 14.56 11.33 -11.44
N HIS D 111 13.24 11.85 -11.04
N HIS D 111 13.36 11.81 -11.15
CA HIS D 111 12.83 13.25 -11.27
CA HIS D 111 13.05 13.19 -11.36
C HIS D 111 13.25 14.08 -10.10
C HIS D 111 13.60 13.90 -10.15
N PHE D 112 14.01 15.17 -10.32
CA PHE D 112 14.27 16.04 -9.21
C PHE D 112 13.09 16.91 -8.94
N ALA D 113 13.15 17.68 -7.82
CA ALA D 113 12.03 18.54 -7.48
C ALA D 113 11.72 19.60 -8.50
N ALA D 114 12.76 20.23 -9.07
CA ALA D 114 12.54 21.25 -10.07
C ALA D 114 13.85 21.36 -10.90
N GLU D 115 13.78 22.20 -11.93
CA GLU D 115 14.87 22.40 -12.85
C GLU D 115 14.94 23.85 -13.26
N LEU D 116 16.15 24.40 -13.22
CA LEU D 116 16.41 25.77 -13.74
C LEU D 116 17.05 25.63 -15.12
N HIS D 117 16.61 26.45 -16.07
CA HIS D 117 17.25 26.58 -17.36
C HIS D 117 17.73 27.97 -17.60
N ILE D 118 19.04 28.09 -17.82
CA ILE D 118 19.62 29.36 -18.32
C ILE D 118 19.84 29.31 -19.86
N VAL D 119 19.07 30.10 -20.61
CA VAL D 119 19.06 30.03 -22.06
C VAL D 119 19.98 31.06 -22.65
N HIS D 120 20.80 30.61 -23.60
CA HIS D 120 21.84 31.40 -24.30
C HIS D 120 21.64 31.16 -25.74
N TYR D 121 22.09 32.13 -26.54
CA TYR D 121 21.97 32.01 -27.96
C TYR D 121 23.35 32.31 -28.53
N ASN D 122 23.51 31.84 -29.76
CA ASN D 122 24.79 31.81 -30.44
C ASN D 122 24.98 33.20 -31.04
N SER D 123 25.63 34.06 -30.26
CA SER D 123 25.83 35.45 -30.64
C SER D 123 26.94 35.65 -31.68
N ASP D 124 27.76 34.62 -31.90
CA ASP D 124 28.77 34.62 -33.00
C ASP D 124 28.05 34.51 -34.35
N LEU D 125 26.94 33.76 -34.40
CA LEU D 125 26.28 33.51 -35.65
C LEU D 125 25.09 34.36 -35.86
N TYR D 126 24.39 34.72 -34.78
CA TYR D 126 23.06 35.30 -34.88
C TYR D 126 22.97 36.58 -34.07
N PRO D 127 22.13 37.56 -34.54
CA PRO D 127 22.00 38.88 -33.92
C PRO D 127 21.26 38.88 -32.56
N ASP D 128 20.38 37.91 -32.35
CA ASP D 128 19.58 37.81 -31.14
C ASP D 128 18.96 36.44 -30.99
N ALA D 129 18.47 36.17 -29.78
CA ALA D 129 17.87 34.90 -29.46
C ALA D 129 16.73 34.51 -30.39
N SER D 130 15.86 35.46 -30.75
CA SER D 130 14.73 35.10 -31.62
C SER D 130 15.19 34.54 -32.99
N THR D 131 16.15 35.21 -33.62
CA THR D 131 16.71 34.75 -34.91
C THR D 131 17.40 33.38 -34.73
N ALA D 132 18.19 33.25 -33.67
CA ALA D 132 18.96 32.03 -33.35
C ALA D 132 18.09 30.79 -33.10
N SER D 133 16.94 31.03 -32.46
N SER D 133 16.88 30.99 -32.58
CA SER D 133 16.11 29.99 -31.85
CA SER D 133 16.05 29.87 -32.12
C SER D 133 15.83 28.83 -32.79
C SER D 133 15.61 28.87 -33.20
N ASN D 134 15.51 29.16 -34.04
N ASN D 134 15.39 29.32 -34.44
CA ASN D 134 15.11 28.14 -35.02
CA ASN D 134 14.96 28.45 -35.49
C ASN D 134 16.10 28.05 -36.17
C ASN D 134 16.15 27.97 -36.30
N LYS D 135 17.36 28.21 -35.80
CA LYS D 135 18.53 28.09 -36.67
C LYS D 135 19.60 27.10 -36.15
N SER D 136 20.26 26.48 -37.11
CA SER D 136 21.38 25.62 -36.81
C SER D 136 22.29 26.21 -35.73
N GLU D 137 22.62 25.38 -34.74
CA GLU D 137 23.52 25.81 -33.65
C GLU D 137 23.00 26.98 -32.78
N GLY D 138 21.70 27.22 -32.78
CA GLY D 138 21.18 28.53 -32.35
C GLY D 138 21.27 28.80 -30.88
N LEU D 139 21.08 27.74 -30.06
CA LEU D 139 20.89 27.92 -28.64
C LEU D 139 21.70 26.99 -27.79
N ALA D 140 21.98 27.41 -26.56
CA ALA D 140 22.63 26.55 -25.59
C ALA D 140 21.95 26.80 -24.26
N VAL D 141 21.51 25.75 -23.62
CA VAL D 141 20.89 25.92 -22.33
C VAL D 141 21.66 25.22 -21.25
N LEU D 142 21.82 25.91 -20.07
CA LEU D 142 22.39 25.25 -18.90
C LEU D 142 21.23 24.78 -18.02
N ALA D 143 21.27 23.53 -17.56
CA ALA D 143 20.16 22.99 -16.69
C ALA D 143 20.74 22.71 -15.35
N VAL D 144 20.11 23.22 -14.30
CA VAL D 144 20.52 22.88 -12.91
C VAL D 144 19.33 22.11 -12.32
N LEU D 145 19.62 20.93 -11.78
CA LEU D 145 18.64 20.10 -11.11
C LEU D 145 18.50 20.60 -9.71
N ILE D 146 17.26 20.64 -9.23
CA ILE D 146 16.96 21.22 -7.87
C ILE D 146 16.30 20.17 -7.02
N GLU D 147 16.73 20.08 -5.76
CA GLU D 147 16.15 19.12 -4.80
C GLU D 147 15.84 19.84 -3.50
N MET D 148 14.96 19.24 -2.70
N MET D 148 14.95 19.28 -2.70
CA MET D 148 14.64 19.80 -1.41
CA MET D 148 14.61 19.93 -1.44
C MET D 148 15.88 19.66 -0.53
C MET D 148 15.70 19.63 -0.44
N GLY D 149 16.11 20.66 0.30
CA GLY D 149 17.18 20.56 1.33
C GLY D 149 17.20 21.88 2.05
N SER D 150 18.37 22.50 2.17
CA SER D 150 18.49 23.75 2.90
C SER D 150 17.91 24.98 2.17
N PHE D 151 17.41 25.93 2.93
CA PHE D 151 17.05 27.24 2.39
C PHE D 151 18.17 27.83 1.52
N ASN D 152 17.81 28.36 0.35
CA ASN D 152 18.79 28.86 -0.61
C ASN D 152 18.59 30.36 -0.84
N PRO D 153 19.42 31.20 -0.19
CA PRO D 153 19.25 32.66 -0.34
C PRO D 153 19.34 33.13 -1.77
N SER D 154 20.14 32.44 -2.59
CA SER D 154 20.30 32.88 -3.95
C SER D 154 19.06 32.67 -4.81
N TYR D 155 18.50 31.46 -4.78
CA TYR D 155 17.24 31.25 -5.45
C TYR D 155 16.14 32.15 -4.88
N ASP D 156 16.24 32.51 -3.62
CA ASP D 156 15.23 33.42 -3.06
C ASP D 156 15.29 34.83 -3.64
N LYS D 157 16.40 35.17 -4.31
CA LYS D 157 16.50 36.44 -5.01
C LYS D 157 15.51 36.41 -6.20
N ILE D 158 15.07 35.21 -6.59
CA ILE D 158 13.99 35.13 -7.57
C ILE D 158 12.65 34.92 -6.84
N PHE D 159 12.62 33.93 -5.98
CA PHE D 159 11.36 33.46 -5.37
C PHE D 159 10.68 34.57 -4.56
N SER D 160 11.46 35.54 -4.09
CA SER D 160 10.84 36.59 -3.22
C SER D 160 9.97 37.55 -3.98
N HIS D 161 10.04 37.49 -5.31
CA HIS D 161 9.22 38.33 -6.16
C HIS D 161 8.04 37.65 -6.76
N LEU D 162 7.82 36.38 -6.47
CA LEU D 162 6.77 35.64 -7.19
C LEU D 162 5.39 36.22 -7.01
N GLN D 163 5.10 36.73 -5.81
CA GLN D 163 3.72 37.29 -5.60
C GLN D 163 3.39 38.52 -6.50
N HIS D 164 4.40 39.10 -7.17
CA HIS D 164 4.14 40.18 -8.12
C HIS D 164 4.00 39.76 -9.52
N VAL D 165 4.18 38.47 -9.81
CA VAL D 165 3.96 37.98 -11.18
C VAL D 165 3.01 36.73 -11.14
N LYS D 166 2.02 36.76 -10.26
CA LYS D 166 1.12 35.59 -10.10
C LYS D 166 0.39 35.20 -11.35
N TYR D 167 0.01 36.17 -12.22
CA TYR D 167 -0.83 35.93 -13.43
C TYR D 167 -0.09 36.16 -14.73
N LYS D 168 -0.51 35.47 -15.76
CA LYS D 168 0.08 35.60 -17.12
C LYS D 168 0.12 37.04 -17.57
N GLY D 169 1.26 37.43 -18.15
CA GLY D 169 1.49 38.81 -18.57
C GLY D 169 2.08 39.70 -17.48
N GLN D 170 1.95 39.33 -16.21
CA GLN D 170 2.45 40.22 -15.16
C GLN D 170 3.98 40.18 -15.03
N GLU D 171 4.56 41.32 -14.67
CA GLU D 171 6.00 41.57 -14.71
C GLU D 171 6.47 42.27 -13.43
N ALA D 172 7.71 42.04 -13.05
CA ALA D 172 8.31 42.75 -11.95
C ALA D 172 9.82 42.89 -12.27
N PHE D 173 10.47 43.87 -11.64
CA PHE D 173 11.92 44.02 -11.78
C PHE D 173 12.66 43.40 -10.61
N VAL D 174 13.77 42.75 -10.93
CA VAL D 174 14.57 42.12 -9.90
C VAL D 174 15.93 42.81 -9.99
N PRO D 175 16.51 43.24 -8.86
CA PRO D 175 17.86 43.83 -8.98
C PRO D 175 18.90 42.74 -9.36
N GLY D 176 19.94 43.15 -10.08
CA GLY D 176 20.98 42.19 -10.49
C GLY D 176 21.60 41.49 -9.29
N PHE D 177 21.89 40.20 -9.45
CA PHE D 177 22.67 39.50 -8.47
C PHE D 177 23.50 38.52 -9.27
N ASN D 178 24.34 37.81 -8.56
CA ASN D 178 25.24 36.91 -9.26
C ASN D 178 24.52 35.61 -9.63
N ILE D 179 24.24 35.43 -10.91
CA ILE D 179 23.60 34.21 -11.48
C ILE D 179 24.42 32.98 -11.20
N GLU D 180 25.76 33.11 -11.11
CA GLU D 180 26.54 31.94 -10.81
C GLU D 180 26.17 31.33 -9.44
N GLU D 181 25.61 32.13 -8.55
CA GLU D 181 25.18 31.58 -7.26
C GLU D 181 24.02 30.56 -7.43
N LEU D 182 23.38 30.50 -8.59
CA LEU D 182 22.30 29.49 -8.87
C LEU D 182 22.86 28.18 -9.38
N LEU D 183 24.15 28.19 -9.72
CA LEU D 183 24.84 26.97 -10.21
C LEU D 183 25.30 26.05 -9.08
N PRO D 184 25.36 24.74 -9.35
CA PRO D 184 25.77 23.79 -8.31
C PRO D 184 27.27 23.76 -8.17
N GLU D 185 27.71 22.84 -7.32
CA GLU D 185 29.10 22.59 -7.09
C GLU D 185 29.65 21.83 -8.28
N ARG D 186 30.94 22.05 -8.53
CA ARG D 186 31.66 21.30 -9.54
C ARG D 186 30.92 21.35 -10.89
N THR D 187 30.72 22.57 -11.38
CA THR D 187 30.15 22.72 -12.67
C THR D 187 30.95 22.03 -13.79
N ALA D 188 32.23 21.70 -13.50
CA ALA D 188 33.07 21.01 -14.50
C ALA D 188 32.46 19.65 -14.90
N GLU D 189 31.62 19.10 -14.01
CA GLU D 189 31.03 17.79 -14.25
C GLU D 189 29.60 17.98 -14.76
N TYR D 190 29.38 17.57 -15.99
CA TYR D 190 28.07 17.74 -16.57
C TYR D 190 27.82 16.65 -17.63
N TYR D 191 26.55 16.57 -18.08
CA TYR D 191 26.13 15.77 -19.23
C TYR D 191 25.90 16.73 -20.40
N ARG D 192 26.25 16.33 -21.61
CA ARG D 192 26.05 17.22 -22.76
C ARG D 192 25.45 16.49 -23.94
N TYR D 193 24.43 17.06 -24.53
CA TYR D 193 23.84 16.43 -25.70
C TYR D 193 23.16 17.43 -26.57
N ARG D 194 22.93 17.04 -27.81
CA ARG D 194 22.14 17.87 -28.72
C ARG D 194 20.67 17.52 -28.63
N GLY D 195 19.84 18.52 -28.42
CA GLY D 195 18.36 18.32 -28.34
C GLY D 195 17.59 19.54 -28.75
N SER D 196 16.51 19.86 -28.03
CA SER D 196 15.55 20.76 -28.56
C SER D 196 15.09 21.65 -27.46
N LEU D 197 14.33 22.69 -27.80
CA LEU D 197 13.47 23.34 -26.81
C LEU D 197 12.50 22.27 -26.27
N THR D 198 12.17 22.37 -25.00
CA THR D 198 11.30 21.38 -24.36
C THR D 198 9.88 21.93 -24.29
N THR D 199 9.66 23.08 -24.93
CA THR D 199 8.29 23.61 -25.09
C THR D 199 8.15 23.98 -26.57
N PRO D 200 6.90 24.10 -27.03
CA PRO D 200 6.68 24.60 -28.37
C PRO D 200 7.49 25.91 -28.54
N PRO D 201 8.10 26.11 -29.72
CA PRO D 201 7.93 25.27 -30.91
C PRO D 201 8.83 24.00 -31.02
N CYS D 202 9.57 23.66 -29.93
CA CYS D 202 10.35 22.42 -29.87
C CYS D 202 11.49 22.36 -30.87
N ASN D 203 12.05 23.53 -31.23
CA ASN D 203 13.05 23.56 -32.31
C ASN D 203 14.21 22.69 -31.84
N PRO D 204 14.76 21.88 -32.75
CA PRO D 204 15.86 20.97 -32.46
C PRO D 204 17.22 21.69 -32.54
N THR D 205 17.33 22.77 -31.79
CA THR D 205 18.43 23.69 -31.98
C THR D 205 19.21 23.95 -30.73
N VAL D 206 19.01 23.13 -29.69
CA VAL D 206 19.64 23.36 -28.40
C VAL D 206 20.81 22.45 -28.11
N LEU D 207 21.92 23.05 -27.69
CA LEU D 207 23.02 22.28 -27.11
C LEU D 207 22.78 22.30 -25.62
N TRP D 208 22.45 21.14 -25.04
CA TRP D 208 22.14 21.09 -23.60
C TRP D 208 23.37 20.77 -22.83
N THR D 209 23.52 21.42 -21.68
CA THR D 209 24.47 21.04 -20.67
C THR D 209 23.70 20.87 -19.37
N VAL D 210 23.63 19.66 -18.84
CA VAL D 210 22.94 19.47 -17.53
C VAL D 210 23.97 19.19 -16.49
N PHE D 211 24.09 20.03 -15.45
CA PHE D 211 25.13 19.77 -14.44
C PHE D 211 24.87 18.47 -13.69
N ARG D 212 25.95 17.75 -13.36
CA ARG D 212 25.84 16.49 -12.65
C ARG D 212 25.22 16.66 -11.25
N ASN D 213 25.56 17.76 -10.60
CA ASN D 213 25.19 17.94 -9.16
C ASN D 213 24.00 18.88 -9.03
N PRO D 214 23.06 18.55 -8.12
CA PRO D 214 21.87 19.36 -7.94
C PRO D 214 22.18 20.45 -6.89
N VAL D 215 21.35 21.49 -6.87
CA VAL D 215 21.36 22.45 -5.80
C VAL D 215 20.18 22.15 -4.89
N GLN D 216 20.16 22.77 -3.71
CA GLN D 216 19.02 22.58 -2.82
C GLN D 216 18.25 23.86 -2.63
N ILE D 217 16.95 23.74 -2.46
CA ILE D 217 16.10 24.83 -1.98
C ILE D 217 15.25 24.25 -0.84
N SER D 218 14.67 25.10 0.01
CA SER D 218 13.95 24.55 1.16
C SER D 218 12.58 24.03 0.74
N GLN D 219 11.96 23.25 1.61
N GLN D 219 11.98 23.25 1.63
CA GLN D 219 10.60 22.76 1.34
CA GLN D 219 10.61 22.76 1.42
C GLN D 219 9.65 23.95 1.16
C GLN D 219 9.65 23.95 1.17
N GLU D 220 9.85 25.04 1.91
CA GLU D 220 9.01 26.22 1.78
C GLU D 220 9.24 26.94 0.47
N GLN D 221 10.49 26.98 -0.01
CA GLN D 221 10.77 27.70 -1.27
C GLN D 221 10.14 26.94 -2.40
N LEU D 222 10.26 25.63 -2.31
CA LEU D 222 9.71 24.77 -3.35
C LEU D 222 8.19 24.90 -3.38
N LEU D 223 7.60 24.86 -2.19
CA LEU D 223 6.17 25.01 -2.08
C LEU D 223 5.75 26.38 -2.58
N ALA D 224 6.54 27.43 -2.32
CA ALA D 224 6.20 28.76 -2.78
C ALA D 224 6.19 28.75 -4.34
N LEU D 225 7.22 28.17 -4.95
CA LEU D 225 7.28 28.13 -6.43
C LEU D 225 6.05 27.37 -7.02
N GLU D 226 5.68 26.27 -6.39
CA GLU D 226 4.61 25.43 -6.92
C GLU D 226 3.24 26.04 -6.69
N THR D 227 3.12 27.04 -5.81
CA THR D 227 1.77 27.54 -5.46
C THR D 227 1.54 29.00 -5.79
N ALA D 228 2.57 29.72 -6.18
CA ALA D 228 2.41 31.17 -6.37
C ALA D 228 1.76 31.62 -7.66
N LEU D 229 1.86 30.82 -8.74
CA LEU D 229 1.59 31.26 -10.08
C LEU D 229 0.42 30.56 -10.76
N TYR D 230 -0.20 31.29 -11.67
CA TYR D 230 -1.23 30.82 -12.58
C TYR D 230 -0.83 30.97 -14.01
N CYS D 231 -1.34 30.08 -14.88
CA CYS D 231 -1.08 30.05 -16.32
C CYS D 231 -1.93 31.08 -17.03
N THR D 232 -2.95 31.52 -16.33
CA THR D 232 -3.98 32.39 -16.92
C THR D 232 -3.84 33.87 -16.57
N HIS D 233 -4.38 34.75 -17.43
CA HIS D 233 -4.46 36.19 -17.18
C HIS D 233 -5.29 36.51 -15.95
N MET D 234 -5.03 37.67 -15.35
CA MET D 234 -5.80 38.08 -14.19
C MET D 234 -7.33 38.21 -14.46
N ASP D 235 -7.73 38.41 -15.71
CA ASP D 235 -9.20 38.40 -15.99
C ASP D 235 -9.81 37.10 -16.51
N ASP D 236 -9.05 36.00 -16.56
CA ASP D 236 -9.57 34.73 -17.09
C ASP D 236 -10.60 34.16 -16.11
N PRO D 237 -11.84 33.90 -16.62
CA PRO D 237 -12.87 33.28 -15.78
C PRO D 237 -12.55 31.85 -15.36
N SER D 238 -11.70 31.15 -16.10
CA SER D 238 -11.27 29.78 -15.69
C SER D 238 -9.74 29.67 -15.38
N PRO D 239 -9.33 30.10 -14.15
CA PRO D 239 -7.92 30.14 -13.75
C PRO D 239 -7.33 28.75 -13.74
N ARG D 240 -6.05 28.66 -14.04
CA ARG D 240 -5.35 27.40 -14.02
C ARG D 240 -4.04 27.63 -13.27
N GLU D 241 -3.85 26.90 -12.18
CA GLU D 241 -2.60 26.94 -11.46
C GLU D 241 -1.43 26.52 -12.35
N MET D 242 -0.33 27.24 -12.22
CA MET D 242 0.91 26.87 -12.88
C MET D 242 1.71 25.81 -12.09
N ILE D 243 1.42 24.55 -12.43
N ILE D 243 1.46 24.56 -12.46
CA ILE D 243 2.01 23.36 -11.80
CA ILE D 243 2.09 23.38 -11.83
C ILE D 243 2.34 22.32 -12.93
C ILE D 243 2.37 22.33 -12.95
N ASN D 244 3.25 21.40 -12.64
CA ASN D 244 3.64 20.37 -13.60
C ASN D 244 3.99 20.92 -14.96
N ASN D 245 4.76 22.04 -14.96
CA ASN D 245 5.12 22.70 -16.21
C ASN D 245 6.46 22.11 -16.71
N PHE D 246 6.48 20.78 -16.97
CA PHE D 246 7.63 20.05 -17.44
C PHE D 246 7.15 19.06 -18.47
N ARG D 247 8.01 18.79 -19.47
CA ARG D 247 7.66 17.86 -20.52
C ARG D 247 8.16 16.47 -20.09
N GLN D 248 7.37 15.43 -20.37
CA GLN D 248 7.82 14.03 -20.17
C GLN D 248 9.13 13.75 -20.97
N VAL D 249 9.95 12.85 -20.45
CA VAL D 249 11.19 12.55 -21.17
C VAL D 249 10.89 11.86 -22.52
N GLN D 250 11.82 12.07 -23.44
CA GLN D 250 11.74 11.67 -24.84
C GLN D 250 12.55 10.41 -25.10
N LYS D 251 12.12 9.66 -26.12
CA LYS D 251 12.99 8.58 -26.59
C LYS D 251 14.28 9.18 -27.06
N PHE D 252 15.32 8.39 -26.87
CA PHE D 252 16.67 8.82 -27.18
C PHE D 252 17.37 7.53 -27.49
N ASP D 253 17.39 7.20 -28.78
CA ASP D 253 18.05 6.03 -29.34
C ASP D 253 17.94 6.20 -30.85
N GLU D 254 19.08 6.14 -31.54
CA GLU D 254 20.33 5.79 -30.90
C GLU D 254 21.19 7.04 -30.66
N ARG D 255 20.61 8.12 -30.15
CA ARG D 255 21.48 9.29 -29.85
C ARG D 255 22.48 8.96 -28.70
N LEU D 256 23.52 9.81 -28.48
CA LEU D 256 24.37 9.75 -27.22
C LEU D 256 24.52 11.05 -26.38
N VAL D 257 24.65 10.87 -25.07
CA VAL D 257 24.92 11.96 -24.16
C VAL D 257 26.38 11.80 -23.76
N TYR D 258 27.14 12.88 -23.88
CA TYR D 258 28.54 12.85 -23.48
C TYR D 258 28.70 13.42 -22.11
N THR D 259 29.49 12.78 -21.28
CA THR D 259 29.74 13.30 -19.99
C THR D 259 31.19 13.78 -19.86
N SER D 260 31.37 14.86 -19.10
CA SER D 260 32.72 15.36 -18.86
C SER D 260 33.34 14.65 -17.61
N PHE D 261 32.66 13.64 -17.05
CA PHE D 261 33.23 12.93 -15.85
C PHE D 261 33.19 11.43 -16.08
N SER D 262 34.10 10.67 -15.48
CA SER D 262 34.08 9.22 -15.68
C SER D 262 33.57 8.44 -14.46
N GLN D 263 33.50 9.10 -13.32
CA GLN D 263 33.09 8.46 -12.07
C GLN D 263 32.57 9.49 -11.05
C1 EDO E . -17.91 -28.00 42.16
O1 EDO E . -18.90 -28.82 41.49
C2 EDO E . -16.67 -27.80 41.29
O2 EDO E . -15.91 -26.66 41.72
ZN ZN F . -15.49 -24.09 17.19
F26 V1F G . -20.87 -24.12 16.16
C5 V1F G . -19.92 -24.19 15.20
C4 V1F G . -18.64 -23.70 15.50
S7 V1F G . -18.28 -23.01 17.12
O9 V1F G . -18.38 -24.03 18.26
N10 V1F G . -16.73 -22.21 17.34
O8 V1F G . -19.33 -21.97 17.55
C3 V1F G . -17.63 -23.76 14.52
F12 V1F G . -16.39 -23.29 14.79
C2 V1F G . -17.91 -24.30 13.26
F13 V1F G . -16.92 -24.34 12.33
C6 V1F G . -20.21 -24.73 13.93
C1 V1F G . -19.18 -24.78 12.96
S11 V1F G . -19.50 -25.48 11.32
O22 V1F G . -20.83 -26.23 11.41
O23 V1F G . -18.56 -26.67 11.11
C21 V1F G . -19.55 -24.53 9.77
C24 V1F G . -20.02 -23.11 10.04
C30 V1F G . -21.49 -23.06 10.23
C29 V1F G . -22.34 -23.21 9.12
C28 V1F G . -23.72 -23.18 9.28
C32 V1F G . -22.05 -22.85 11.49
C31 V1F G . -23.44 -22.81 11.65
C27 V1F G . -24.28 -22.97 10.54
N25 V1F G . -21.50 -25.24 13.60
C14 V1F G . -22.62 -25.25 14.52
C15 V1F G . -23.79 -25.91 13.89
C20 V1F G . -24.85 -25.13 13.41
C19 V1F G . -25.97 -25.74 12.82
C18 V1F G . -26.03 -27.13 12.71
C17 V1F G . -24.96 -27.91 13.19
C16 V1F G . -23.85 -27.30 13.78
C1 EDO H . -6.94 14.88 38.50
O1 EDO H . -5.97 15.93 38.50
C2 EDO H . -6.46 13.78 37.61
O2 EDO H . -5.46 13.06 38.37
C1 EDO I . 8.26 10.85 35.55
O1 EDO I . 6.85 11.09 35.44
C2 EDO I . 8.98 11.57 34.41
O2 EDO I . 10.02 10.73 33.86
ZN ZN J . -3.70 5.55 19.41
F26 V1F K . -3.00 8.64 16.10
C5 V1F K . -3.95 8.13 15.35
C4 V1F K . -4.23 6.78 15.44
S7 V1F K . -3.25 5.60 16.41
O9 V1F K . -2.00 6.26 16.96
N10 V1F K . -4.09 4.95 17.77
O8 V1F K . -2.94 4.59 15.35
C3 V1F K . -5.24 6.26 14.62
F12 V1F K . -5.49 4.91 14.65
C2 V1F K . -5.97 7.08 13.74
F13 V1F K . -6.98 6.61 12.94
C6 V1F K . -4.71 8.98 14.53
C1 V1F K . -5.73 8.44 13.68
S11 V1F K . -6.77 9.44 12.60
O22 V1F K . -8.23 8.97 12.66
O23 V1F K . -6.55 9.17 11.11
C21 V1F K . -6.82 11.18 13.13
C24 V1F K . -7.64 11.32 14.43
C30 V1F K . -7.45 10.44 15.64
C29 V1F K . -8.04 9.16 15.74
C28 V1F K . -7.86 8.33 16.90
C32 V1F K . -6.77 10.90 16.77
C31 V1F K . -6.59 10.11 17.93
C27 V1F K . -7.14 8.80 18.01
N25 V1F K . -4.41 10.37 14.49
C14 V1F K . -3.15 10.77 13.91
C15 V1F K . -3.30 11.57 12.68
C20 V1F K . -3.73 10.95 11.52
C19 V1F K . -3.90 11.69 10.38
C18 V1F K . -3.63 13.05 10.39
C17 V1F K . -3.20 13.66 11.55
C16 V1F K . -3.03 12.91 12.70
ZN ZN L . 0.42 -3.61 -24.97
F26 V1F M . -4.88 -3.42 -26.25
C5 V1F M . -3.91 -3.40 -27.17
C4 V1F M . -2.68 -2.92 -26.76
S7 V1F M . -2.32 -2.45 -25.02
O9 V1F M . -2.68 -3.64 -24.20
N10 V1F M . -0.65 -2.04 -25.20
O8 V1F M . -2.88 -1.18 -24.42
C3 V1F M . -1.64 -2.89 -27.69
F12 V1F M . -0.46 -2.47 -27.19
C2 V1F M . -1.79 -3.27 -29.04
F13 V1F M . -0.71 -3.21 -29.91
C6 V1F M . -4.13 -3.76 -28.50
C1 V1F M . -3.08 -3.73 -29.46
S11 V1F M . -3.40 -4.23 -31.17
O22 V1F M . -3.43 -5.76 -31.30
O23 V1F M . -2.12 -3.99 -32.01
C21 V1F M . -4.84 -3.59 -32.08
C24 V1F M . -5.13 -2.17 -31.58
C30 V1F M . -6.54 -1.81 -31.88
C29 V1F M . -7.34 -1.23 -30.88
C28 V1F M . -8.68 -0.88 -31.14
C32 V1F M . -7.08 -2.03 -33.17
C31 V1F M . -8.43 -1.68 -33.44
C27 V1F M . -9.22 -1.11 -32.42
N25 V1F M . -5.44 -4.19 -28.83
C14 V1F M . -6.48 -4.33 -27.86
C15 V1F M . -7.71 -4.53 -28.63
C20 V1F M . -8.56 -3.43 -28.82
C19 V1F M . -9.72 -3.63 -29.57
C18 V1F M . -10.01 -4.88 -30.14
C17 V1F M . -9.14 -5.96 -29.94
C16 V1F M . -7.96 -5.79 -29.17
ZN ZN N . 13.08 25.21 -19.73
F26 V1F O . 13.94 28.56 -22.61
C5 V1F O . 13.02 28.16 -23.49
C4 V1F O . 12.79 26.79 -23.61
S7 V1F O . 13.75 25.51 -22.68
O9 V1F O . 14.99 26.06 -22.07
N10 V1F O . 12.78 24.84 -21.37
O8 V1F O . 14.05 24.50 -23.73
C3 V1F O . 11.83 26.42 -24.56
F12 V1F O . 11.57 25.10 -24.76
C2 V1F O . 11.11 27.38 -25.33
F13 V1F O . 10.19 26.99 -26.26
C6 V1F O . 12.29 29.15 -24.23
C1 V1F O . 11.34 28.76 -25.20
S11 V1F O . 10.29 29.85 -26.27
O22 V1F O . 10.64 29.73 -27.78
O23 V1F O . 10.70 31.31 -25.95
C21 V1F O . 8.46 29.82 -26.20
C24 V1F O . 7.95 30.33 -24.87
C30 V1F O . 8.72 29.96 -23.63
C29 V1F O . 8.59 28.65 -23.08
C28 V1F O . 9.27 28.27 -21.91
C32 V1F O . 9.55 30.89 -22.96
C31 V1F O . 10.21 30.51 -21.77
C27 V1F O . 10.08 29.20 -21.25
N25 V1F O . 12.63 30.52 -24.03
C14 V1F O . 13.98 30.94 -24.29
C15 V1F O . 14.01 31.68 -25.55
C20 V1F O . 14.29 30.99 -26.75
C19 V1F O . 14.31 31.68 -27.95
C18 V1F O . 14.07 33.08 -27.97
C17 V1F O . 13.80 33.77 -26.77
C16 V1F O . 13.78 33.07 -25.55
#